data_3CVS
#
_entry.id   3CVS
#
_cell.length_a   75.174
_cell.length_b   101.247
_cell.length_c   102.917
_cell.angle_alpha   90.00
_cell.angle_beta   94.19
_cell.angle_gamma   90.00
#
_symmetry.space_group_name_H-M   'P 1 21 1'
#
loop_
_entity.id
_entity.type
_entity.pdbx_description
1 polymer 'DNA-3-methyladenine glycosylase 2'
2 polymer "DNA (5'-D(*DGP*DAP*DCP*DAP*DTP*DGP*DAP*(8OG)P*DTP*DGP*DCP*DC)-3')"
3 polymer "DNA (5'-D(*DGP*DGP*DCP*DAP*DAP*DTP*DCP*DAP*DTP*DGP*DTP*DC)-3')"
4 water water
#
loop_
_entity_poly.entity_id
_entity_poly.type
_entity_poly.pdbx_seq_one_letter_code
_entity_poly.pdbx_strand_id
1 'polypeptide(L)'
;MYTLNWQPPYDWSWMLGFLAARAVSSVETVADSYYARSLAVGEYRGVVTAIPDIARHTLHINLSAGLEPVAAECLAKMSR
LFDLQCNPQIVNGALGRLGAARPGLRLPGCVDAFEQGVRAILGQLVSVAMAAKLTARVAQLYGERLDDFPEYICFPTPQR
LAAADPQALKALGMPLKRAEALIHLANAALEGTLPMTIPGDVEQAMKTLQTFPGIGRWTANYFALRGWQAKDVFLPDDYL
IKQRFPGMTPAQIRRYAERWKPWRSYALLHIWYTEGWQPDEA
;
A,B,C,D
2 'polydeoxyribonucleotide' (DG)(DA)(DC)(DA)(DT)(DG)(DA)(8OG)(DT)(DG)(DC)(DC) E,G
3 'polydeoxyribonucleotide' (DG)(DG)(DC)(DA)(DA)(DT)(DC)(DA)(DT)(DG)(DT)(DC) F,H
#
# COMPACT_ATOMS: atom_id res chain seq x y z
N MET A 1 2.25 -48.10 15.71
CA MET A 1 0.94 -48.30 15.01
C MET A 1 1.09 -48.05 13.51
N TYR A 2 1.12 -46.78 13.11
CA TYR A 2 1.31 -46.43 11.70
C TYR A 2 2.80 -46.53 11.41
N THR A 3 3.18 -46.91 10.20
CA THR A 3 4.62 -47.00 9.90
C THR A 3 5.04 -46.36 8.57
N LEU A 4 6.18 -45.69 8.57
CA LEU A 4 6.71 -45.04 7.38
C LEU A 4 8.15 -45.51 7.17
N ASN A 5 8.62 -45.44 5.93
CA ASN A 5 9.98 -45.84 5.61
C ASN A 5 10.91 -44.64 5.42
N TRP A 6 12.21 -44.92 5.40
CA TRP A 6 13.23 -43.92 5.18
C TRP A 6 14.38 -44.69 4.56
N GLN A 7 15.25 -43.98 3.86
CA GLN A 7 16.38 -44.63 3.24
C GLN A 7 17.62 -44.45 4.10
N PRO A 8 18.32 -45.55 4.39
CA PRO A 8 19.54 -45.50 5.21
C PRO A 8 20.62 -44.75 4.47
N PRO A 9 21.56 -44.14 5.19
CA PRO A 9 21.63 -44.12 6.65
C PRO A 9 20.86 -42.96 7.24
N TYR A 10 20.40 -43.11 8.47
CA TYR A 10 19.69 -42.05 9.15
C TYR A 10 20.30 -41.95 10.53
N ASP A 11 20.88 -40.80 10.84
CA ASP A 11 21.51 -40.60 12.14
C ASP A 11 20.46 -40.16 13.16
N TRP A 12 19.69 -41.11 13.68
CA TRP A 12 18.67 -40.80 14.68
C TRP A 12 19.16 -40.17 15.98
N SER A 13 20.36 -40.52 16.43
CA SER A 13 20.84 -39.91 17.67
C SER A 13 21.14 -38.44 17.46
N TRP A 14 21.71 -38.11 16.29
CA TRP A 14 21.99 -36.72 15.97
C TRP A 14 20.68 -35.92 15.92
N MET A 15 19.68 -36.47 15.22
CA MET A 15 18.37 -35.82 15.10
C MET A 15 17.66 -35.68 16.44
N LEU A 16 17.52 -36.78 17.17
CA LEU A 16 16.86 -36.70 18.47
C LEU A 16 17.63 -35.71 19.32
N GLY A 17 18.95 -35.77 19.23
CA GLY A 17 19.79 -34.86 20.00
C GLY A 17 19.46 -33.43 19.63
N PHE A 18 19.36 -33.16 18.33
CA PHE A 18 19.07 -31.82 17.85
C PHE A 18 17.70 -31.35 18.37
N LEU A 19 16.68 -32.21 18.28
CA LEU A 19 15.35 -31.83 18.76
C LEU A 19 15.31 -31.66 20.28
N ALA A 20 16.10 -32.48 20.97
CA ALA A 20 16.15 -32.43 22.41
C ALA A 20 16.66 -31.07 22.91
N ALA A 21 17.68 -30.54 22.25
CA ALA A 21 18.23 -29.26 22.66
C ALA A 21 17.18 -28.16 22.63
N ARG A 22 16.33 -28.20 21.61
CA ARG A 22 15.32 -27.17 21.42
C ARG A 22 13.91 -27.52 21.90
N ALA A 23 13.75 -28.68 22.51
CA ALA A 23 12.44 -29.10 22.97
C ALA A 23 11.79 -28.08 23.90
N VAL A 24 10.47 -28.02 23.84
CA VAL A 24 9.70 -27.10 24.66
C VAL A 24 8.90 -27.86 25.71
N SER A 25 9.19 -27.53 26.97
CA SER A 25 8.54 -28.14 28.11
C SER A 25 7.03 -28.15 28.01
N SER A 26 6.45 -29.31 28.30
CA SER A 26 5.01 -29.52 28.25
C SER A 26 4.52 -29.80 26.85
N VAL A 27 5.32 -29.40 25.86
CA VAL A 27 4.94 -29.61 24.47
C VAL A 27 5.55 -30.90 23.89
N GLU A 28 6.86 -31.04 24.02
CA GLU A 28 7.55 -32.21 23.48
C GLU A 28 8.29 -33.00 24.55
N THR A 29 8.59 -34.25 24.23
CA THR A 29 9.35 -35.12 25.11
C THR A 29 10.31 -35.88 24.22
N VAL A 30 11.62 -35.74 24.47
CA VAL A 30 12.60 -36.43 23.64
C VAL A 30 13.47 -37.42 24.42
N ALA A 31 13.60 -38.62 23.86
CA ALA A 31 14.40 -39.70 24.45
C ALA A 31 15.32 -40.27 23.37
N ASP A 32 16.21 -41.16 23.75
CA ASP A 32 17.16 -41.72 22.79
C ASP A 32 16.52 -42.68 21.80
N SER A 33 15.32 -43.14 22.08
CA SER A 33 14.67 -44.09 21.16
C SER A 33 13.35 -43.61 20.60
N TYR A 34 12.81 -42.53 21.14
CA TYR A 34 11.55 -42.01 20.62
C TYR A 34 11.42 -40.52 20.78
N TYR A 35 10.42 -39.98 20.09
CA TYR A 35 10.09 -38.56 20.13
C TYR A 35 8.57 -38.50 20.24
N ALA A 36 8.06 -37.66 21.13
CA ALA A 36 6.62 -37.53 21.30
C ALA A 36 6.25 -36.12 21.69
N ARG A 37 5.10 -35.66 21.22
CA ARG A 37 4.63 -34.30 21.53
C ARG A 37 3.14 -34.14 21.32
N SER A 38 2.63 -33.00 21.77
CA SER A 38 1.24 -32.66 21.60
C SER A 38 1.15 -32.21 20.15
N LEU A 39 -0.06 -32.24 19.61
CA LEU A 39 -0.24 -31.85 18.22
C LEU A 39 -1.70 -31.50 17.99
N ALA A 40 -1.93 -30.40 17.28
CA ALA A 40 -3.28 -29.97 16.98
C ALA A 40 -3.49 -29.75 15.50
N VAL A 41 -4.37 -30.53 14.91
CA VAL A 41 -4.70 -30.37 13.49
C VAL A 41 -6.14 -29.87 13.47
N GLY A 42 -6.29 -28.56 13.30
CA GLY A 42 -7.62 -27.96 13.31
C GLY A 42 -8.18 -28.06 14.71
N GLU A 43 -9.37 -28.63 14.83
CA GLU A 43 -10.01 -28.78 16.13
C GLU A 43 -9.62 -30.12 16.77
N TYR A 44 -8.90 -30.95 16.02
CA TYR A 44 -8.47 -32.27 16.51
C TYR A 44 -7.17 -32.15 17.31
N ARG A 45 -7.09 -32.87 18.43
CA ARG A 45 -5.91 -32.82 19.29
C ARG A 45 -5.54 -34.14 19.95
N GLY A 46 -4.25 -34.29 20.26
CA GLY A 46 -3.78 -35.50 20.91
C GLY A 46 -2.28 -35.55 21.10
N VAL A 47 -1.75 -36.76 21.24
CA VAL A 47 -0.32 -36.96 21.42
C VAL A 47 0.21 -37.88 20.34
N VAL A 48 1.32 -37.48 19.73
CA VAL A 48 1.96 -38.29 18.68
C VAL A 48 3.28 -38.81 19.25
N THR A 49 3.56 -40.08 18.97
CA THR A 49 4.80 -40.70 19.44
C THR A 49 5.50 -41.34 18.26
N ALA A 50 6.72 -40.89 17.99
CA ALA A 50 7.48 -41.46 16.88
C ALA A 50 8.54 -42.39 17.44
N ILE A 51 8.52 -43.64 17.00
CA ILE A 51 9.49 -44.62 17.48
C ILE A 51 10.26 -45.21 16.31
N PRO A 52 11.52 -44.79 16.14
CA PRO A 52 12.30 -45.33 15.02
C PRO A 52 12.64 -46.81 15.21
N ASP A 53 12.87 -47.49 14.10
CA ASP A 53 13.20 -48.90 14.09
C ASP A 53 14.35 -49.02 13.09
N ILE A 54 15.57 -48.98 13.63
CA ILE A 54 16.80 -49.03 12.83
C ILE A 54 16.95 -50.25 11.94
N ALA A 55 16.85 -51.42 12.55
CA ALA A 55 16.99 -52.67 11.81
C ALA A 55 16.06 -52.70 10.62
N ARG A 56 14.92 -52.03 10.77
CA ARG A 56 13.89 -52.02 9.74
C ARG A 56 13.80 -50.76 8.89
N HIS A 57 14.58 -49.74 9.23
CA HIS A 57 14.54 -48.45 8.52
C HIS A 57 13.08 -48.00 8.34
N THR A 58 12.35 -48.09 9.44
CA THR A 58 10.94 -47.73 9.53
C THR A 58 10.72 -46.83 10.74
N LEU A 59 9.66 -46.04 10.71
CA LEU A 59 9.35 -45.17 11.83
C LEU A 59 7.91 -45.49 12.23
N HIS A 60 7.72 -45.93 13.47
CA HIS A 60 6.40 -46.27 13.95
C HIS A 60 5.80 -45.03 14.60
N ILE A 61 4.58 -44.68 14.19
CA ILE A 61 3.91 -43.50 14.72
C ILE A 61 2.62 -43.92 15.39
N ASN A 62 2.45 -43.53 16.64
CA ASN A 62 1.20 -43.81 17.33
C ASN A 62 0.47 -42.50 17.55
N LEU A 63 -0.86 -42.55 17.46
CA LEU A 63 -1.67 -41.37 17.66
C LEU A 63 -2.73 -41.64 18.73
N SER A 64 -2.91 -40.69 19.64
CA SER A 64 -3.93 -40.80 20.67
C SER A 64 -5.23 -40.66 19.90
N ALA A 65 -6.31 -41.17 20.46
CA ALA A 65 -7.63 -41.15 19.83
C ALA A 65 -8.07 -39.84 19.20
N GLY A 66 -7.80 -38.73 19.87
CA GLY A 66 -8.24 -37.45 19.33
C GLY A 66 -7.67 -37.06 17.96
N LEU A 67 -6.54 -37.63 17.58
CA LEU A 67 -5.91 -37.29 16.30
C LEU A 67 -6.24 -38.27 15.17
N GLU A 68 -6.82 -39.41 15.54
CA GLU A 68 -7.14 -40.44 14.55
C GLU A 68 -7.89 -39.93 13.30
N PRO A 69 -8.89 -39.04 13.48
CA PRO A 69 -9.65 -38.49 12.36
C PRO A 69 -8.75 -37.86 11.30
N VAL A 70 -7.66 -37.24 11.71
CA VAL A 70 -6.73 -36.63 10.76
C VAL A 70 -5.38 -37.33 10.74
N ALA A 71 -5.42 -38.65 10.95
CA ALA A 71 -4.22 -39.48 10.97
C ALA A 71 -3.19 -39.12 9.89
N ALA A 72 -3.60 -39.17 8.64
CA ALA A 72 -2.74 -38.91 7.49
C ALA A 72 -2.02 -37.57 7.53
N GLU A 73 -2.67 -36.55 8.05
CA GLU A 73 -2.04 -35.26 8.15
C GLU A 73 -0.95 -35.38 9.24
N CYS A 74 -1.30 -36.02 10.34
CA CYS A 74 -0.34 -36.19 11.40
C CYS A 74 0.93 -36.88 10.88
N LEU A 75 0.72 -37.91 10.06
CA LEU A 75 1.83 -38.65 9.48
C LEU A 75 2.67 -37.77 8.57
N ALA A 76 2.00 -36.98 7.74
CA ALA A 76 2.69 -36.09 6.83
C ALA A 76 3.48 -35.02 7.58
N LYS A 77 2.94 -34.57 8.71
CA LYS A 77 3.64 -33.56 9.49
C LYS A 77 4.89 -34.21 10.11
N MET A 78 4.74 -35.48 10.48
CA MET A 78 5.82 -36.22 11.07
C MET A 78 6.92 -36.47 10.04
N SER A 79 6.52 -36.80 8.82
CA SER A 79 7.51 -37.07 7.76
C SER A 79 8.29 -35.81 7.39
N ARG A 80 7.66 -34.65 7.57
CA ARG A 80 8.33 -33.39 7.24
C ARG A 80 9.29 -33.05 8.37
N LEU A 81 8.89 -33.37 9.59
CA LEU A 81 9.73 -33.09 10.73
C LEU A 81 11.01 -33.90 10.64
N PHE A 82 10.90 -35.17 10.25
CA PHE A 82 12.06 -36.04 10.19
C PHE A 82 12.74 -36.19 8.84
N ASP A 83 12.25 -35.47 7.82
CA ASP A 83 12.90 -35.53 6.53
C ASP A 83 12.99 -36.98 5.98
N LEU A 84 11.90 -37.73 6.08
CA LEU A 84 11.91 -39.11 5.60
C LEU A 84 12.16 -39.17 4.11
N GLN A 85 11.97 -38.04 3.42
CA GLN A 85 12.12 -38.00 1.97
C GLN A 85 13.56 -38.04 1.50
N CYS A 86 14.48 -37.59 2.36
CA CYS A 86 15.88 -37.52 1.98
C CYS A 86 16.52 -38.77 1.41
N ASN A 87 17.29 -38.58 0.36
CA ASN A 87 18.05 -39.67 -0.23
C ASN A 87 19.49 -39.28 0.08
N PRO A 88 20.09 -39.92 1.08
CA PRO A 88 21.48 -39.59 1.44
C PRO A 88 22.47 -39.76 0.29
N GLN A 89 22.29 -40.77 -0.54
CA GLN A 89 23.22 -40.97 -1.65
C GLN A 89 23.31 -39.72 -2.54
N ILE A 90 22.17 -39.11 -2.86
CA ILE A 90 22.19 -37.92 -3.68
C ILE A 90 22.90 -36.76 -2.99
N VAL A 91 22.46 -36.42 -1.78
CA VAL A 91 23.04 -35.33 -1.03
C VAL A 91 24.51 -35.54 -0.65
N ASN A 92 24.81 -36.67 -0.03
CA ASN A 92 26.19 -36.93 0.36
C ASN A 92 27.08 -36.98 -0.88
N GLY A 93 26.55 -37.49 -1.97
CA GLY A 93 27.35 -37.55 -3.18
C GLY A 93 27.69 -36.16 -3.67
N ALA A 94 26.76 -35.23 -3.49
CA ALA A 94 26.95 -33.86 -3.94
C ALA A 94 27.90 -33.05 -3.04
N LEU A 95 27.77 -33.22 -1.73
CA LEU A 95 28.60 -32.48 -0.77
C LEU A 95 30.01 -33.04 -0.61
N GLY A 96 30.18 -34.32 -0.97
CA GLY A 96 31.49 -34.93 -0.85
C GLY A 96 32.00 -34.98 0.59
N ARG A 97 33.22 -34.50 0.77
CA ARG A 97 33.87 -34.51 2.08
C ARG A 97 33.11 -33.80 3.20
N LEU A 98 32.41 -32.72 2.87
CA LEU A 98 31.68 -31.96 3.87
C LEU A 98 30.71 -32.78 4.72
N GLY A 99 30.12 -33.83 4.13
CA GLY A 99 29.18 -34.64 4.88
C GLY A 99 29.56 -36.10 5.08
N ALA A 100 30.85 -36.40 4.91
CA ALA A 100 31.35 -37.77 5.06
C ALA A 100 31.40 -38.25 6.51
N ALA A 101 31.49 -37.31 7.46
CA ALA A 101 31.56 -37.68 8.86
C ALA A 101 30.18 -38.02 9.46
N ARG A 102 29.12 -37.49 8.87
CA ARG A 102 27.78 -37.77 9.38
C ARG A 102 26.76 -37.95 8.24
N PRO A 103 26.98 -38.97 7.40
CA PRO A 103 26.11 -39.27 6.24
C PRO A 103 24.62 -39.50 6.59
N GLY A 104 24.33 -39.73 7.87
CA GLY A 104 22.95 -39.96 8.27
C GLY A 104 22.20 -38.67 8.57
N LEU A 105 22.93 -37.57 8.59
CA LEU A 105 22.39 -36.24 8.85
C LEU A 105 21.10 -36.01 8.06
N ARG A 106 20.14 -35.33 8.70
CA ARG A 106 18.87 -34.98 8.06
C ARG A 106 18.52 -33.55 8.43
N LEU A 107 17.55 -32.99 7.72
CA LEU A 107 17.12 -31.62 7.99
C LEU A 107 15.99 -31.69 8.99
N PRO A 108 16.19 -31.18 10.20
CA PRO A 108 15.17 -31.17 11.25
C PRO A 108 14.08 -30.19 10.81
N GLY A 109 12.88 -30.69 10.55
CA GLY A 109 11.80 -29.81 10.13
C GLY A 109 10.94 -29.30 11.26
N CYS A 110 9.64 -29.34 11.04
CA CYS A 110 8.70 -28.89 12.03
C CYS A 110 7.40 -29.59 11.72
N VAL A 111 6.44 -29.46 12.63
CA VAL A 111 5.15 -30.08 12.46
C VAL A 111 4.11 -29.02 12.09
N ASP A 112 4.50 -27.74 12.20
CA ASP A 112 3.62 -26.62 11.86
C ASP A 112 4.39 -25.33 11.59
N ALA A 113 4.26 -24.81 10.37
CA ALA A 113 4.95 -23.59 9.97
C ALA A 113 4.70 -22.39 10.90
N PHE A 114 3.47 -22.24 11.41
CA PHE A 114 3.22 -21.11 12.30
C PHE A 114 4.10 -21.26 13.55
N GLU A 115 4.03 -22.42 14.18
CA GLU A 115 4.83 -22.68 15.38
C GLU A 115 6.30 -22.41 15.12
N GLN A 116 6.81 -22.92 14.00
CA GLN A 116 8.22 -22.75 13.66
C GLN A 116 8.52 -21.27 13.50
N GLY A 117 7.55 -20.52 12.94
CA GLY A 117 7.73 -19.10 12.78
C GLY A 117 7.88 -18.39 14.11
N VAL A 118 7.12 -18.85 15.11
CA VAL A 118 7.19 -18.28 16.44
C VAL A 118 8.54 -18.68 17.05
N ARG A 119 8.90 -19.95 16.88
CA ARG A 119 10.16 -20.47 17.40
C ARG A 119 11.38 -19.72 16.86
N ALA A 120 11.36 -19.44 15.56
CA ALA A 120 12.46 -18.74 14.91
C ALA A 120 12.63 -17.31 15.45
N ILE A 121 11.54 -16.60 15.63
CA ILE A 121 11.58 -15.24 16.13
C ILE A 121 12.17 -15.17 17.53
N LEU A 122 11.72 -16.07 18.41
CA LEU A 122 12.20 -16.10 19.79
C LEU A 122 13.61 -16.66 19.82
N GLY A 123 14.07 -17.12 18.65
CA GLY A 123 15.42 -17.64 18.57
C GLY A 123 16.38 -16.51 18.28
N GLN A 124 15.83 -15.31 18.05
CA GLN A 124 16.66 -14.15 17.74
C GLN A 124 17.55 -13.69 18.90
N LEU A 125 18.82 -13.48 18.59
CA LEU A 125 19.79 -12.98 19.56
C LEU A 125 20.20 -13.97 20.65
N VAL A 126 19.24 -14.44 21.43
CA VAL A 126 19.49 -15.37 22.52
C VAL A 126 20.09 -16.72 22.08
N SER A 127 20.29 -17.59 23.07
CA SER A 127 20.86 -18.92 22.86
C SER A 127 19.79 -19.96 22.59
N VAL A 128 20.21 -21.08 22.01
CA VAL A 128 19.27 -22.15 21.72
C VAL A 128 18.52 -22.46 22.99
N ALA A 129 19.27 -22.80 24.04
CA ALA A 129 18.68 -23.14 25.33
C ALA A 129 17.75 -22.06 25.86
N MET A 130 18.17 -20.80 25.77
CA MET A 130 17.35 -19.69 26.25
C MET A 130 16.04 -19.53 25.46
N ALA A 131 16.11 -19.71 24.14
CA ALA A 131 14.92 -19.58 23.29
C ALA A 131 13.91 -20.63 23.72
N ALA A 132 14.38 -21.85 23.94
CA ALA A 132 13.52 -22.96 24.36
C ALA A 132 12.81 -22.61 25.67
N LYS A 133 13.49 -21.84 26.50
CA LYS A 133 12.98 -21.40 27.79
C LYS A 133 11.82 -20.44 27.52
N LEU A 134 12.12 -19.41 26.74
CA LEU A 134 11.13 -18.40 26.40
C LEU A 134 9.92 -19.03 25.71
N THR A 135 10.16 -19.84 24.70
CA THR A 135 9.05 -20.48 24.01
C THR A 135 8.23 -21.25 25.03
N ALA A 136 8.92 -21.95 25.92
CA ALA A 136 8.24 -22.72 26.96
C ALA A 136 7.35 -21.81 27.77
N ARG A 137 7.80 -20.58 28.00
CA ARG A 137 6.99 -19.62 28.76
C ARG A 137 5.80 -19.11 27.96
N VAL A 138 5.95 -19.01 26.65
CA VAL A 138 4.84 -18.56 25.83
C VAL A 138 3.82 -19.68 25.68
N ALA A 139 4.32 -20.91 25.59
CA ALA A 139 3.41 -22.04 25.46
C ALA A 139 2.58 -22.09 26.74
N GLN A 140 3.26 -21.94 27.87
CA GLN A 140 2.62 -21.96 29.17
C GLN A 140 1.43 -21.01 29.28
N LEU A 141 1.68 -19.74 29.01
CA LEU A 141 0.64 -18.72 29.11
C LEU A 141 -0.41 -18.70 28.01
N TYR A 142 -0.14 -19.34 26.88
CA TYR A 142 -1.09 -19.29 25.78
C TYR A 142 -1.58 -20.59 25.17
N GLY A 143 -0.98 -21.70 25.56
CA GLY A 143 -1.40 -22.97 24.98
C GLY A 143 -2.57 -23.67 25.67
N GLU A 144 -3.20 -24.58 24.94
CA GLU A 144 -4.32 -25.34 25.49
C GLU A 144 -3.76 -26.63 26.06
N ARG A 145 -4.30 -27.06 27.19
CA ARG A 145 -3.86 -28.29 27.83
C ARG A 145 -4.72 -29.42 27.28
N LEU A 146 -4.09 -30.56 26.97
CA LEU A 146 -4.85 -31.69 26.47
C LEU A 146 -5.66 -32.31 27.60
N ASP A 147 -6.96 -32.46 27.39
CA ASP A 147 -7.84 -33.03 28.40
C ASP A 147 -7.39 -34.44 28.76
N ASP A 148 -7.12 -35.22 27.72
CA ASP A 148 -6.74 -36.61 27.88
C ASP A 148 -5.28 -36.82 28.31
N PHE A 149 -4.47 -35.78 28.21
CA PHE A 149 -3.06 -35.85 28.59
C PHE A 149 -2.61 -34.53 29.19
N PRO A 150 -3.07 -34.24 30.42
CA PRO A 150 -2.79 -33.03 31.20
C PRO A 150 -1.33 -32.61 31.24
N GLU A 151 -0.41 -33.57 31.30
CA GLU A 151 1.00 -33.23 31.34
C GLU A 151 1.38 -32.39 30.13
N TYR A 152 0.79 -32.72 28.98
CA TYR A 152 1.07 -32.01 27.73
C TYR A 152 0.18 -30.80 27.49
N ILE A 153 0.69 -29.85 26.73
CA ILE A 153 -0.03 -28.64 26.36
C ILE A 153 0.23 -28.40 24.86
N CYS A 154 -0.76 -27.89 24.13
CA CYS A 154 -0.60 -27.61 22.70
C CYS A 154 0.12 -26.29 22.50
N PHE A 155 0.96 -26.21 21.47
CA PHE A 155 1.66 -24.96 21.19
C PHE A 155 0.56 -23.94 20.95
N PRO A 156 0.75 -22.70 21.44
CA PRO A 156 -0.26 -21.65 21.24
C PRO A 156 -0.70 -21.59 19.79
N THR A 157 -2.01 -21.46 19.56
CA THR A 157 -2.57 -21.36 18.23
C THR A 157 -2.48 -19.91 17.74
N PRO A 158 -2.69 -19.70 16.44
CA PRO A 158 -2.63 -18.34 15.85
C PRO A 158 -3.68 -17.39 16.44
N GLN A 159 -4.92 -17.85 16.54
CA GLN A 159 -6.00 -17.01 17.06
C GLN A 159 -5.74 -16.54 18.48
N ARG A 160 -5.12 -17.41 19.27
CA ARG A 160 -4.82 -17.09 20.66
C ARG A 160 -3.72 -16.02 20.77
N LEU A 161 -2.60 -16.24 20.08
CA LEU A 161 -1.48 -15.30 20.11
C LEU A 161 -1.78 -13.97 19.44
N ALA A 162 -2.70 -13.99 18.48
CA ALA A 162 -3.05 -12.78 17.77
C ALA A 162 -3.79 -11.84 18.71
N ALA A 163 -4.43 -12.43 19.72
CA ALA A 163 -5.20 -11.69 20.72
C ALA A 163 -4.40 -11.35 21.98
N ALA A 164 -3.21 -11.93 22.09
CA ALA A 164 -2.38 -11.67 23.26
C ALA A 164 -2.04 -10.19 23.42
N ASP A 165 -1.80 -9.78 24.65
CA ASP A 165 -1.43 -8.40 24.95
C ASP A 165 0.08 -8.30 24.83
N PRO A 166 0.57 -7.40 23.96
CA PRO A 166 2.02 -7.22 23.77
C PRO A 166 2.75 -7.14 25.09
N GLN A 167 2.14 -6.43 26.03
CA GLN A 167 2.74 -6.25 27.34
C GLN A 167 2.94 -7.57 28.06
N ALA A 168 1.96 -8.45 27.98
CA ALA A 168 2.06 -9.75 28.64
C ALA A 168 3.25 -10.53 28.11
N LEU A 169 3.35 -10.66 26.79
CA LEU A 169 4.46 -11.38 26.17
C LEU A 169 5.77 -10.75 26.58
N LYS A 170 5.81 -9.43 26.60
CA LYS A 170 7.00 -8.68 27.01
C LYS A 170 7.41 -9.14 28.40
N ALA A 171 6.42 -9.26 29.28
CA ALA A 171 6.64 -9.70 30.65
C ALA A 171 7.33 -11.05 30.71
N LEU A 172 7.15 -11.87 29.69
CA LEU A 172 7.76 -13.20 29.67
C LEU A 172 9.26 -13.21 29.42
N GLY A 173 9.81 -12.08 28.96
CA GLY A 173 11.25 -12.03 28.73
C GLY A 173 11.73 -11.66 27.34
N MET A 174 10.99 -10.78 26.65
CA MET A 174 11.35 -10.34 25.29
C MET A 174 11.01 -8.86 25.14
N PRO A 175 11.72 -8.13 24.25
CA PRO A 175 11.44 -6.71 24.04
C PRO A 175 10.01 -6.56 23.54
N LEU A 176 9.44 -5.36 23.63
CA LEU A 176 8.08 -5.18 23.15
C LEU A 176 8.05 -5.50 21.65
N LYS A 177 9.09 -5.05 20.94
CA LYS A 177 9.20 -5.28 19.50
C LYS A 177 9.02 -6.75 19.16
N ARG A 178 9.77 -7.61 19.84
CA ARG A 178 9.71 -9.04 19.61
C ARG A 178 8.27 -9.53 19.78
N ALA A 179 7.61 -9.07 20.85
CA ALA A 179 6.24 -9.46 21.12
C ALA A 179 5.28 -8.99 20.01
N GLU A 180 5.60 -7.84 19.42
CA GLU A 180 4.78 -7.32 18.33
C GLU A 180 5.01 -8.17 17.11
N ALA A 181 6.26 -8.56 16.89
CA ALA A 181 6.60 -9.40 15.76
C ALA A 181 5.79 -10.69 15.86
N LEU A 182 5.63 -11.23 17.07
CA LEU A 182 4.84 -12.46 17.24
C LEU A 182 3.37 -12.26 16.91
N ILE A 183 2.77 -11.21 17.47
CA ILE A 183 1.37 -10.94 17.24
C ILE A 183 1.09 -10.75 15.74
N HIS A 184 1.95 -9.99 15.06
CA HIS A 184 1.78 -9.78 13.62
C HIS A 184 1.75 -11.13 12.88
N LEU A 185 2.67 -12.02 13.22
CA LEU A 185 2.77 -13.34 12.59
C LEU A 185 1.47 -14.17 12.75
N ALA A 186 0.92 -14.18 13.96
CA ALA A 186 -0.31 -14.91 14.22
C ALA A 186 -1.42 -14.39 13.30
N ASN A 187 -1.45 -13.08 13.07
CA ASN A 187 -2.46 -12.49 12.19
C ASN A 187 -2.23 -12.92 10.74
N ALA A 188 -0.97 -12.92 10.32
CA ALA A 188 -0.64 -13.36 8.97
C ALA A 188 -1.09 -14.82 8.83
N ALA A 189 -0.88 -15.61 9.88
CA ALA A 189 -1.29 -17.01 9.88
C ALA A 189 -2.81 -17.10 9.76
N LEU A 190 -3.52 -16.20 10.42
CA LEU A 190 -4.97 -16.25 10.36
C LEU A 190 -5.50 -15.87 8.98
N GLU A 191 -4.83 -14.92 8.33
CA GLU A 191 -5.27 -14.45 7.02
C GLU A 191 -4.81 -15.31 5.85
N GLY A 192 -3.87 -16.21 6.10
CA GLY A 192 -3.35 -17.06 5.05
C GLY A 192 -2.19 -16.37 4.35
N THR A 193 -1.63 -15.39 5.04
CA THR A 193 -0.51 -14.58 4.56
C THR A 193 0.89 -15.16 4.85
N LEU A 194 0.96 -16.15 5.73
CA LEU A 194 2.23 -16.80 6.10
C LEU A 194 2.21 -18.17 5.43
N PRO A 195 2.98 -18.34 4.35
CA PRO A 195 3.04 -19.62 3.64
C PRO A 195 3.22 -20.78 4.62
N MET A 196 2.25 -21.69 4.67
CA MET A 196 2.36 -22.80 5.61
C MET A 196 3.11 -24.01 5.04
N THR A 197 3.26 -24.03 3.71
CA THR A 197 3.96 -25.11 3.03
C THR A 197 4.97 -24.45 2.11
N ILE A 198 6.01 -25.18 1.73
CA ILE A 198 7.04 -24.58 0.90
C ILE A 198 6.53 -23.96 -0.40
N PRO A 199 6.88 -22.70 -0.65
CA PRO A 199 6.43 -22.03 -1.87
C PRO A 199 7.34 -22.30 -3.07
N GLY A 200 6.80 -22.14 -4.28
CA GLY A 200 7.57 -22.37 -5.49
C GLY A 200 8.83 -21.53 -5.64
N ASP A 201 8.79 -20.28 -5.21
CA ASP A 201 9.97 -19.41 -5.28
C ASP A 201 10.33 -19.00 -3.85
N VAL A 202 11.13 -19.83 -3.21
CA VAL A 202 11.56 -19.59 -1.84
C VAL A 202 12.24 -18.24 -1.67
N GLU A 203 13.03 -17.85 -2.66
CA GLU A 203 13.71 -16.57 -2.61
C GLU A 203 12.72 -15.40 -2.55
N GLN A 204 11.74 -15.39 -3.47
CA GLN A 204 10.76 -14.32 -3.50
C GLN A 204 9.99 -14.30 -2.20
N ALA A 205 9.53 -15.48 -1.79
CA ALA A 205 8.76 -15.62 -0.56
C ALA A 205 9.55 -15.13 0.65
N MET A 206 10.84 -15.47 0.74
CA MET A 206 11.62 -15.01 1.88
C MET A 206 11.68 -13.49 1.89
N LYS A 207 11.80 -12.91 0.71
CA LYS A 207 11.86 -11.46 0.57
C LYS A 207 10.57 -10.86 1.16
N THR A 208 9.43 -11.36 0.69
CA THR A 208 8.16 -10.88 1.20
C THR A 208 8.10 -11.05 2.72
N LEU A 209 8.61 -12.18 3.21
CA LEU A 209 8.63 -12.45 4.65
C LEU A 209 9.37 -11.35 5.41
N GLN A 210 10.42 -10.81 4.80
CA GLN A 210 11.21 -9.76 5.43
C GLN A 210 10.51 -8.41 5.59
N THR A 211 9.32 -8.26 5.00
CA THR A 211 8.59 -7.01 5.15
C THR A 211 7.78 -7.10 6.45
N PHE A 212 7.69 -8.31 7.01
CA PHE A 212 6.99 -8.51 8.27
C PHE A 212 7.79 -7.81 9.36
N PRO A 213 7.13 -7.21 10.35
CA PRO A 213 7.93 -6.55 11.39
C PRO A 213 8.56 -7.61 12.31
N GLY A 214 9.82 -7.38 12.68
CA GLY A 214 10.52 -8.30 13.54
C GLY A 214 11.20 -9.45 12.79
N ILE A 215 10.91 -9.58 11.50
CA ILE A 215 11.51 -10.65 10.73
C ILE A 215 12.57 -10.15 9.76
N GLY A 216 13.83 -10.33 10.13
CA GLY A 216 14.93 -9.91 9.27
C GLY A 216 15.35 -11.06 8.36
N ARG A 217 16.48 -10.93 7.70
CA ARG A 217 16.94 -11.96 6.79
C ARG A 217 17.33 -13.27 7.49
N TRP A 218 17.93 -13.18 8.67
CA TRP A 218 18.29 -14.38 9.40
C TRP A 218 17.02 -15.17 9.73
N THR A 219 16.01 -14.48 10.26
CA THR A 219 14.75 -15.13 10.60
C THR A 219 14.04 -15.74 9.40
N ALA A 220 14.02 -15.02 8.28
CA ALA A 220 13.38 -15.52 7.08
C ALA A 220 14.09 -16.77 6.54
N ASN A 221 15.42 -16.76 6.55
CA ASN A 221 16.20 -17.90 6.08
C ASN A 221 15.98 -19.10 7.00
N TYR A 222 16.26 -18.90 8.28
CA TYR A 222 16.09 -19.98 9.25
C TYR A 222 14.68 -20.52 9.17
N PHE A 223 13.70 -19.63 8.98
CA PHE A 223 12.30 -20.06 8.86
C PHE A 223 12.02 -20.91 7.61
N ALA A 224 12.62 -20.52 6.49
CA ALA A 224 12.43 -21.22 5.24
C ALA A 224 13.05 -22.61 5.38
N LEU A 225 14.20 -22.65 6.04
CA LEU A 225 14.92 -23.87 6.24
C LEU A 225 14.19 -24.88 7.13
N ARG A 226 13.62 -24.39 8.23
CA ARG A 226 12.93 -25.24 9.18
C ARG A 226 11.43 -25.33 8.95
N GLY A 227 10.82 -24.17 8.74
CA GLY A 227 9.38 -24.10 8.54
C GLY A 227 8.92 -24.65 7.21
N TRP A 228 9.80 -24.55 6.20
CA TRP A 228 9.47 -25.04 4.86
C TRP A 228 10.28 -26.26 4.48
N GLN A 229 11.38 -26.49 5.21
CA GLN A 229 12.30 -27.57 4.92
C GLN A 229 12.89 -27.25 3.56
N ALA A 230 13.14 -25.97 3.32
CA ALA A 230 13.74 -25.54 2.05
C ALA A 230 15.13 -26.17 2.09
N LYS A 231 15.50 -26.90 1.05
CA LYS A 231 16.79 -27.59 1.04
C LYS A 231 17.99 -26.80 0.56
N ASP A 232 17.78 -25.64 -0.02
CA ASP A 232 18.91 -24.90 -0.56
C ASP A 232 19.06 -23.48 0.02
N VAL A 233 19.08 -23.37 1.33
CA VAL A 233 19.26 -22.06 1.94
C VAL A 233 20.39 -22.09 2.96
N PHE A 234 21.26 -21.09 2.88
CA PHE A 234 22.36 -21.01 3.82
C PHE A 234 22.03 -19.91 4.82
N LEU A 235 22.75 -19.88 5.93
CA LEU A 235 22.52 -18.86 6.96
C LEU A 235 23.79 -18.05 7.20
N PRO A 236 24.15 -17.17 6.25
CA PRO A 236 25.35 -16.32 6.32
C PRO A 236 25.34 -15.27 7.42
N ASP A 237 24.18 -15.02 8.03
CA ASP A 237 24.08 -14.03 9.11
C ASP A 237 24.13 -14.73 10.45
N ASP A 238 24.02 -16.06 10.42
CA ASP A 238 24.01 -16.84 11.64
C ASP A 238 25.23 -16.59 12.50
N TYR A 239 25.04 -16.65 13.82
CA TYR A 239 26.12 -16.43 14.76
C TYR A 239 27.23 -17.46 14.62
N LEU A 240 26.88 -18.73 14.87
CA LEU A 240 27.87 -19.81 14.77
C LEU A 240 28.53 -19.81 13.39
N ILE A 241 27.75 -19.51 12.36
CA ILE A 241 28.28 -19.50 11.01
C ILE A 241 29.36 -18.45 10.81
N LYS A 242 29.23 -17.31 11.49
CA LYS A 242 30.24 -16.26 11.37
C LYS A 242 31.52 -16.80 12.00
N GLN A 243 31.35 -17.65 13.01
CA GLN A 243 32.47 -18.25 13.71
C GLN A 243 33.16 -19.31 12.85
N ARG A 244 32.41 -19.93 11.94
CA ARG A 244 32.97 -20.96 11.06
C ARG A 244 33.63 -20.34 9.82
N PHE A 245 33.31 -19.08 9.55
CA PHE A 245 33.90 -18.37 8.41
C PHE A 245 34.60 -17.11 8.93
N PRO A 246 35.61 -17.30 9.80
CA PRO A 246 36.41 -16.23 10.42
C PRO A 246 36.74 -15.01 9.53
N GLY A 247 36.31 -13.84 9.99
CA GLY A 247 36.58 -12.61 9.25
C GLY A 247 36.02 -12.51 7.85
N MET A 248 34.86 -13.13 7.62
CA MET A 248 34.24 -13.06 6.30
C MET A 248 32.89 -12.35 6.38
N THR A 249 32.70 -11.38 5.49
CA THR A 249 31.45 -10.64 5.49
C THR A 249 30.37 -11.57 4.96
N PRO A 250 29.11 -11.34 5.37
CA PRO A 250 27.97 -12.14 4.95
C PRO A 250 27.91 -12.48 3.45
N ALA A 251 28.15 -11.51 2.58
CA ALA A 251 28.10 -11.77 1.15
C ALA A 251 29.22 -12.71 0.71
N GLN A 252 30.34 -12.68 1.43
CA GLN A 252 31.47 -13.54 1.11
C GLN A 252 31.07 -14.98 1.42
N ILE A 253 30.58 -15.16 2.63
CA ILE A 253 30.11 -16.46 3.08
C ILE A 253 29.04 -16.99 2.14
N ARG A 254 28.11 -16.11 1.78
CA ARG A 254 27.02 -16.49 0.87
C ARG A 254 27.60 -16.97 -0.46
N ARG A 255 28.56 -16.24 -1.00
CA ARG A 255 29.17 -16.62 -2.27
C ARG A 255 29.93 -17.93 -2.13
N TYR A 256 30.63 -18.09 -1.01
CA TYR A 256 31.39 -19.33 -0.76
C TYR A 256 30.42 -20.51 -0.73
N ALA A 257 29.33 -20.35 0.03
CA ALA A 257 28.31 -21.38 0.19
C ALA A 257 27.69 -21.86 -1.13
N GLU A 258 27.78 -21.03 -2.16
CA GLU A 258 27.21 -21.34 -3.47
C GLU A 258 27.70 -22.66 -4.05
N ARG A 259 28.91 -23.07 -3.68
CA ARG A 259 29.45 -24.31 -4.19
C ARG A 259 28.63 -25.53 -3.73
N TRP A 260 27.75 -25.33 -2.76
CA TRP A 260 26.95 -26.42 -2.25
C TRP A 260 25.56 -26.55 -2.83
N LYS A 261 25.22 -25.66 -3.76
CA LYS A 261 23.92 -25.69 -4.41
C LYS A 261 23.77 -27.07 -5.04
N PRO A 262 22.56 -27.64 -5.07
CA PRO A 262 21.28 -27.12 -4.55
C PRO A 262 20.92 -27.72 -3.19
N TRP A 263 21.94 -28.04 -2.39
CA TRP A 263 21.71 -28.64 -1.08
C TRP A 263 22.33 -27.79 0.03
N ARG A 264 22.37 -26.48 -0.19
CA ARG A 264 22.95 -25.58 0.80
C ARG A 264 22.45 -25.77 2.23
N SER A 265 21.16 -26.03 2.39
CA SER A 265 20.61 -26.23 3.72
C SER A 265 21.32 -27.36 4.44
N TYR A 266 21.57 -28.44 3.72
CA TYR A 266 22.28 -29.59 4.28
C TYR A 266 23.73 -29.25 4.62
N ALA A 267 24.39 -28.49 3.76
CA ALA A 267 25.77 -28.11 4.02
C ALA A 267 25.83 -27.25 5.29
N LEU A 268 24.83 -26.39 5.45
CA LEU A 268 24.76 -25.54 6.63
C LEU A 268 24.75 -26.41 7.88
N LEU A 269 23.88 -27.40 7.89
CA LEU A 269 23.77 -28.31 9.02
C LEU A 269 25.11 -29.00 9.31
N HIS A 270 25.83 -29.38 8.26
CA HIS A 270 27.11 -30.02 8.42
C HIS A 270 28.15 -29.08 9.03
N ILE A 271 28.24 -27.86 8.50
CA ILE A 271 29.20 -26.89 9.02
C ILE A 271 28.90 -26.65 10.50
N TRP A 272 27.62 -26.40 10.80
CA TRP A 272 27.19 -26.18 12.17
C TRP A 272 27.71 -27.28 13.09
N TYR A 273 27.57 -28.52 12.63
CA TYR A 273 27.98 -29.69 13.40
C TYR A 273 29.34 -30.31 13.09
N THR A 274 30.29 -29.48 12.68
CA THR A 274 31.64 -29.95 12.44
C THR A 274 32.50 -29.03 13.29
N GLU A 275 32.93 -29.58 14.41
CA GLU A 275 33.74 -28.89 15.42
C GLU A 275 34.85 -27.97 14.93
N GLY A 276 35.76 -28.50 14.11
CA GLY A 276 36.87 -27.69 13.64
C GLY A 276 36.86 -27.31 12.18
N TRP A 277 35.70 -27.36 11.55
CA TRP A 277 35.59 -27.00 10.15
C TRP A 277 36.12 -25.59 9.93
N GLN A 278 36.64 -25.36 8.74
CA GLN A 278 37.17 -24.05 8.36
C GLN A 278 37.24 -24.02 6.85
N PRO A 279 36.99 -22.85 6.23
CA PRO A 279 37.04 -22.77 4.78
C PRO A 279 38.32 -23.37 4.22
N ASP A 280 38.28 -23.79 2.95
CA ASP A 280 39.44 -24.41 2.31
C ASP A 280 40.68 -23.54 2.35
N GLU A 281 41.81 -24.17 2.61
CA GLU A 281 43.09 -23.50 2.61
C GLU A 281 43.43 -23.37 1.12
N ALA A 282 42.80 -22.41 0.46
CA ALA A 282 43.02 -22.20 -0.96
C ALA A 282 43.58 -20.79 -1.18
N MET B 1 3.97 49.54 -12.29
CA MET B 1 2.56 49.85 -11.89
C MET B 1 2.32 49.43 -10.43
N TYR B 2 2.49 48.14 -10.15
CA TYR B 2 2.31 47.61 -8.80
C TYR B 2 3.61 47.72 -8.04
N THR B 3 3.52 47.95 -6.73
CA THR B 3 4.72 48.08 -5.92
C THR B 3 4.74 47.16 -4.70
N LEU B 4 5.89 46.52 -4.50
CA LEU B 4 6.08 45.62 -3.38
C LEU B 4 7.31 46.09 -2.61
N ASN B 5 7.22 45.98 -1.28
CA ASN B 5 8.32 46.40 -0.43
C ASN B 5 9.31 45.28 -0.12
N TRP B 6 10.47 45.68 0.40
CA TRP B 6 11.51 44.74 0.79
C TRP B 6 12.29 45.49 1.86
N GLN B 7 12.93 44.77 2.78
CA GLN B 7 13.71 45.43 3.82
C GLN B 7 15.20 45.36 3.49
N PRO B 8 15.89 46.49 3.61
CA PRO B 8 17.32 46.53 3.31
C PRO B 8 18.15 45.72 4.31
N PRO B 9 19.33 45.29 3.88
CA PRO B 9 19.82 45.56 2.52
C PRO B 9 19.39 44.44 1.59
N TYR B 10 19.47 44.69 0.27
CA TYR B 10 19.11 43.70 -0.74
C TYR B 10 20.12 43.74 -1.89
N ASP B 11 20.91 42.68 -2.03
CA ASP B 11 21.93 42.63 -3.07
C ASP B 11 21.32 42.29 -4.42
N TRP B 12 20.73 43.29 -5.04
CA TRP B 12 20.10 43.13 -6.34
C TRP B 12 21.07 42.71 -7.42
N SER B 13 22.31 43.16 -7.29
CA SER B 13 23.33 42.85 -8.27
C SER B 13 23.58 41.33 -8.31
N TRP B 14 23.66 40.75 -7.12
CA TRP B 14 23.90 39.32 -6.99
C TRP B 14 22.68 38.51 -7.42
N MET B 15 21.51 38.90 -6.95
CA MET B 15 20.26 38.21 -7.29
C MET B 15 20.08 38.10 -8.80
N LEU B 16 20.12 39.24 -9.49
CA LEU B 16 19.96 39.27 -10.93
C LEU B 16 21.06 38.43 -11.61
N GLY B 17 22.25 38.45 -11.02
CA GLY B 17 23.34 37.68 -11.60
C GLY B 17 23.03 36.20 -11.48
N PHE B 18 22.40 35.80 -10.39
CA PHE B 18 22.06 34.40 -10.17
C PHE B 18 21.00 33.93 -11.17
N LEU B 19 20.00 34.78 -11.38
CA LEU B 19 18.93 34.45 -12.30
C LEU B 19 19.38 34.56 -13.75
N ALA B 20 20.29 35.49 -14.03
CA ALA B 20 20.77 35.67 -15.39
C ALA B 20 21.55 34.43 -15.87
N ALA B 21 22.42 33.90 -15.01
CA ALA B 21 23.18 32.73 -15.38
C ALA B 21 22.29 31.51 -15.60
N ARG B 22 21.07 31.53 -15.06
CA ARG B 22 20.16 30.39 -15.24
C ARG B 22 18.96 30.74 -16.10
N ALA B 23 19.00 31.92 -16.72
CA ALA B 23 17.90 32.40 -17.54
C ALA B 23 17.67 31.58 -18.80
N VAL B 24 16.45 31.09 -18.93
CA VAL B 24 16.07 30.28 -20.08
C VAL B 24 15.62 31.17 -21.23
N SER B 25 16.32 31.08 -22.36
CA SER B 25 15.99 31.89 -23.53
C SER B 25 14.53 31.71 -23.90
N SER B 26 13.91 32.78 -24.39
CA SER B 26 12.51 32.78 -24.79
C SER B 26 11.56 32.76 -23.60
N VAL B 27 12.07 32.42 -22.42
CA VAL B 27 11.18 32.42 -21.26
C VAL B 27 11.36 33.68 -20.46
N GLU B 28 12.59 33.94 -20.06
CA GLU B 28 12.89 35.08 -19.23
C GLU B 28 14.02 35.94 -19.78
N THR B 29 14.01 37.21 -19.42
CA THR B 29 15.03 38.15 -19.84
C THR B 29 15.58 38.77 -18.57
N VAL B 30 16.89 38.92 -18.49
CA VAL B 30 17.48 39.52 -17.31
C VAL B 30 18.45 40.61 -17.72
N ALA B 31 18.36 41.74 -17.02
CA ALA B 31 19.22 42.88 -17.30
C ALA B 31 19.77 43.42 -16.00
N ASP B 32 20.64 44.41 -16.09
CA ASP B 32 21.25 45.01 -14.90
C ASP B 32 20.20 45.65 -14.02
N SER B 33 19.14 46.14 -14.64
CA SER B 33 18.12 46.87 -13.90
C SER B 33 16.73 46.29 -13.85
N TYR B 34 16.52 45.12 -14.44
CA TYR B 34 15.20 44.53 -14.37
C TYR B 34 15.19 43.05 -14.69
N TYR B 35 14.06 42.43 -14.40
CA TYR B 35 13.84 41.02 -14.65
C TYR B 35 12.51 40.95 -15.39
N ALA B 36 12.42 40.05 -16.37
CA ALA B 36 11.17 39.91 -17.11
C ALA B 36 11.00 38.49 -17.66
N ARG B 37 9.77 37.98 -17.58
CA ARG B 37 9.52 36.64 -18.08
C ARG B 37 8.06 36.41 -18.43
N SER B 38 7.83 35.32 -19.16
CA SER B 38 6.48 34.93 -19.54
C SER B 38 5.85 34.39 -18.27
N LEU B 39 4.53 34.50 -18.16
CA LEU B 39 3.83 34.01 -16.98
C LEU B 39 2.45 33.51 -17.35
N ALA B 40 2.13 32.31 -16.89
CA ALA B 40 0.83 31.73 -17.16
C ALA B 40 0.17 31.31 -15.85
N VAL B 41 -1.01 31.85 -15.60
CA VAL B 41 -1.78 31.54 -14.40
C VAL B 41 -3.14 31.16 -14.96
N GLY B 42 -3.36 29.86 -15.14
CA GLY B 42 -4.62 29.40 -15.69
C GLY B 42 -4.62 29.74 -17.18
N GLU B 43 -5.73 30.22 -17.69
CA GLU B 43 -5.81 30.57 -19.11
C GLU B 43 -5.30 31.98 -19.34
N TYR B 44 -4.82 32.63 -18.28
CA TYR B 44 -4.32 33.99 -18.39
C TYR B 44 -2.83 33.97 -18.66
N ARG B 45 -2.41 34.67 -19.71
CA ARG B 45 -0.99 34.72 -20.05
C ARG B 45 -0.51 36.14 -20.31
N GLY B 46 0.81 36.31 -20.27
CA GLY B 46 1.38 37.62 -20.51
C GLY B 46 2.82 37.72 -20.09
N VAL B 47 3.29 38.94 -19.94
CA VAL B 47 4.67 39.16 -19.54
C VAL B 47 4.73 39.96 -18.25
N VAL B 48 5.61 39.53 -17.34
CA VAL B 48 5.82 40.18 -16.07
C VAL B 48 7.17 40.86 -16.13
N THR B 49 7.26 42.07 -15.60
CA THR B 49 8.51 42.80 -15.59
C THR B 49 8.74 43.33 -14.19
N ALA B 50 9.89 42.98 -13.61
CA ALA B 50 10.25 43.41 -12.26
C ALA B 50 11.40 44.41 -12.32
N ILE B 51 11.18 45.58 -11.74
CA ILE B 51 12.20 46.63 -11.73
C ILE B 51 12.43 47.11 -10.31
N PRO B 52 13.62 46.86 -9.76
CA PRO B 52 13.86 47.31 -8.39
C PRO B 52 14.15 48.80 -8.25
N ASP B 53 13.62 49.37 -7.19
CA ASP B 53 13.81 50.78 -6.88
C ASP B 53 14.55 50.87 -5.54
N ILE B 54 15.87 51.01 -5.62
CA ILE B 54 16.72 51.09 -4.44
C ILE B 54 16.44 52.31 -3.58
N ALA B 55 16.08 53.41 -4.22
CA ALA B 55 15.77 54.64 -3.50
C ALA B 55 14.61 54.41 -2.53
N ARG B 56 13.57 53.74 -3.01
CA ARG B 56 12.39 53.47 -2.20
C ARG B 56 12.36 52.14 -1.42
N HIS B 57 13.35 51.28 -1.61
CA HIS B 57 13.39 49.96 -0.95
C HIS B 57 12.13 49.27 -1.46
N THR B 58 11.96 49.32 -2.77
CA THR B 58 10.76 48.82 -3.41
C THR B 58 10.96 48.03 -4.70
N LEU B 59 10.02 47.18 -5.06
CA LEU B 59 10.14 46.45 -6.31
C LEU B 59 8.89 46.79 -7.14
N HIS B 60 9.11 47.34 -8.32
CA HIS B 60 8.00 47.71 -9.18
C HIS B 60 7.71 46.58 -10.15
N ILE B 61 6.44 46.17 -10.22
CA ILE B 61 6.02 45.08 -11.08
C ILE B 61 5.05 45.54 -12.16
N ASN B 62 5.29 45.10 -13.38
CA ASN B 62 4.39 45.45 -14.47
C ASN B 62 3.84 44.19 -15.14
N LEU B 63 2.52 44.16 -15.32
CA LEU B 63 1.88 43.03 -15.97
C LEU B 63 1.26 43.38 -17.32
N SER B 64 1.49 42.53 -18.32
CA SER B 64 0.91 42.75 -19.65
C SER B 64 -0.58 42.47 -19.49
N ALA B 65 -1.39 43.20 -20.26
CA ALA B 65 -2.85 43.12 -20.22
C ALA B 65 -3.50 41.77 -19.91
N GLY B 66 -2.86 40.68 -20.33
CA GLY B 66 -3.43 39.35 -20.10
C GLY B 66 -3.28 38.74 -18.71
N LEU B 67 -2.60 39.42 -17.81
CA LEU B 67 -2.41 38.87 -16.47
C LEU B 67 -3.14 39.69 -15.41
N GLU B 68 -3.77 40.78 -15.82
CA GLU B 68 -4.49 41.63 -14.88
C GLU B 68 -5.58 40.93 -14.05
N PRO B 69 -6.32 39.98 -14.64
CA PRO B 69 -7.38 39.29 -13.89
C PRO B 69 -6.84 38.52 -12.68
N VAL B 70 -5.57 38.15 -12.77
CA VAL B 70 -4.89 37.40 -11.70
C VAL B 70 -3.65 38.16 -11.25
N ALA B 71 -3.75 39.48 -11.23
CA ALA B 71 -2.63 40.34 -10.83
C ALA B 71 -2.03 39.95 -9.47
N ALA B 72 -2.87 39.89 -8.43
CA ALA B 72 -2.39 39.56 -7.10
C ALA B 72 -1.58 38.25 -7.04
N GLU B 73 -2.01 37.19 -7.71
CA GLU B 73 -1.22 35.99 -7.63
C GLU B 73 0.09 36.21 -8.37
N CYS B 74 0.05 37.02 -9.42
CA CYS B 74 1.28 37.30 -10.15
C CYS B 74 2.23 37.99 -9.18
N LEU B 75 1.71 38.96 -8.44
CA LEU B 75 2.52 39.68 -7.46
C LEU B 75 3.10 38.72 -6.43
N ALA B 76 2.27 37.81 -5.95
CA ALA B 76 2.68 36.83 -4.96
C ALA B 76 3.76 35.93 -5.55
N LYS B 77 3.67 35.65 -6.84
CA LYS B 77 4.68 34.81 -7.46
C LYS B 77 6.03 35.53 -7.48
N MET B 78 6.01 36.81 -7.84
CA MET B 78 7.25 37.58 -7.86
C MET B 78 7.86 37.66 -6.46
N SER B 79 7.01 37.81 -5.45
CA SER B 79 7.51 37.93 -4.08
C SER B 79 8.26 36.68 -3.62
N ARG B 80 7.79 35.51 -4.06
CA ARG B 80 8.45 34.26 -3.68
C ARG B 80 9.75 34.09 -4.46
N LEU B 81 9.79 34.63 -5.67
CA LEU B 81 10.99 34.56 -6.52
C LEU B 81 12.07 35.50 -5.98
N PHE B 82 11.66 36.65 -5.46
CA PHE B 82 12.65 37.60 -4.96
C PHE B 82 12.79 37.66 -3.45
N ASP B 83 12.16 36.70 -2.78
CA ASP B 83 12.28 36.61 -1.33
C ASP B 83 12.07 37.95 -0.63
N LEU B 84 11.01 38.65 -1.01
CA LEU B 84 10.72 39.96 -0.44
C LEU B 84 10.38 39.90 1.04
N GLN B 85 10.07 38.71 1.54
CA GLN B 85 9.71 38.58 2.94
C GLN B 85 10.90 38.67 3.88
N CYS B 86 12.05 38.24 3.39
CA CYS B 86 13.26 38.22 4.20
C CYS B 86 13.59 39.47 5.03
N ASN B 87 13.92 39.20 6.28
CA ASN B 87 14.32 40.23 7.21
C ASN B 87 15.80 39.91 7.43
N PRO B 88 16.68 40.57 6.67
CA PRO B 88 18.13 40.35 6.79
C PRO B 88 18.72 40.47 8.19
N GLN B 89 18.11 41.28 9.06
CA GLN B 89 18.65 41.41 10.40
C GLN B 89 18.54 40.09 11.15
N ILE B 90 17.42 39.39 10.96
CA ILE B 90 17.21 38.11 11.64
C ILE B 90 18.16 37.04 11.11
N VAL B 91 18.22 36.89 9.80
CA VAL B 91 19.08 35.88 9.20
C VAL B 91 20.55 36.15 9.48
N ASN B 92 20.96 37.41 9.39
CA ASN B 92 22.35 37.77 9.63
C ASN B 92 22.67 37.79 11.12
N GLY B 93 21.67 38.08 11.94
CA GLY B 93 21.88 38.10 13.36
C GLY B 93 22.16 36.67 13.81
N ALA B 94 21.69 35.72 13.01
CA ALA B 94 21.87 34.31 13.31
C ALA B 94 23.06 33.68 12.60
N LEU B 95 23.25 33.99 11.32
CA LEU B 95 24.38 33.42 10.58
C LEU B 95 25.69 34.05 11.05
N GLY B 96 25.56 35.16 11.78
CA GLY B 96 26.72 35.87 12.28
C GLY B 96 27.77 36.15 11.21
N ARG B 97 29.01 35.86 11.57
CA ARG B 97 30.17 36.05 10.72
C ARG B 97 29.97 35.58 9.27
N LEU B 98 29.40 34.38 9.13
CA LEU B 98 29.17 33.75 7.83
C LEU B 98 28.56 34.62 6.72
N GLY B 99 27.61 35.47 7.09
CA GLY B 99 26.99 36.32 6.08
C GLY B 99 27.35 37.78 6.18
N ALA B 100 28.29 38.11 7.06
CA ALA B 100 28.70 39.50 7.25
C ALA B 100 29.19 40.18 5.97
N ALA B 101 29.72 39.39 5.04
CA ALA B 101 30.24 39.92 3.78
C ALA B 101 29.20 40.31 2.73
N ARG B 102 28.01 39.74 2.81
CA ARG B 102 26.95 40.05 1.83
C ARG B 102 25.61 40.00 2.53
N PRO B 103 25.39 40.89 3.50
CA PRO B 103 24.14 40.93 4.25
C PRO B 103 22.88 41.07 3.39
N GLY B 104 23.05 41.36 2.10
CA GLY B 104 21.91 41.50 1.22
C GLY B 104 21.57 40.25 0.42
N LEU B 105 22.15 39.12 0.80
CA LEU B 105 21.92 37.85 0.13
C LEU B 105 20.44 37.45 0.30
N ARG B 106 19.83 36.90 -0.74
CA ARG B 106 18.44 36.45 -0.67
C ARG B 106 18.33 35.08 -1.28
N LEU B 107 17.24 34.38 -0.96
CA LEU B 107 17.04 33.05 -1.52
C LEU B 107 16.29 33.14 -2.83
N PRO B 108 16.97 32.85 -3.95
CA PRO B 108 16.30 32.90 -5.25
C PRO B 108 15.25 31.80 -5.32
N GLY B 109 13.98 32.21 -5.42
CA GLY B 109 12.89 31.25 -5.47
C GLY B 109 12.49 30.84 -6.88
N CYS B 110 11.18 30.75 -7.10
CA CYS B 110 10.65 30.36 -8.39
C CYS B 110 9.27 30.92 -8.47
N VAL B 111 8.72 30.93 -9.67
CA VAL B 111 7.39 31.47 -9.90
C VAL B 111 6.38 30.32 -10.03
N ASP B 112 6.89 29.10 -10.00
CA ASP B 112 6.07 27.90 -10.09
C ASP B 112 6.88 26.64 -9.76
N ALA B 113 6.42 25.92 -8.74
CA ALA B 113 7.06 24.69 -8.26
C ALA B 113 7.30 23.65 -9.34
N PHE B 114 6.31 23.40 -10.19
CA PHE B 114 6.47 22.42 -11.25
C PHE B 114 7.67 22.82 -12.10
N GLU B 115 7.66 24.05 -12.62
CA GLU B 115 8.76 24.53 -13.44
C GLU B 115 10.05 24.31 -12.72
N GLN B 116 10.09 24.76 -11.46
CA GLN B 116 11.29 24.62 -10.67
C GLN B 116 11.69 23.16 -10.57
N GLY B 117 10.69 22.28 -10.46
CA GLY B 117 10.98 20.87 -10.40
C GLY B 117 11.67 20.43 -11.69
N VAL B 118 11.12 20.86 -12.83
CA VAL B 118 11.68 20.52 -14.13
C VAL B 118 13.10 21.04 -14.26
N ARG B 119 13.34 22.25 -13.77
CA ARG B 119 14.67 22.83 -13.85
C ARG B 119 15.66 22.11 -12.94
N ALA B 120 15.16 21.63 -11.80
CA ALA B 120 16.03 20.92 -10.85
C ALA B 120 16.55 19.65 -11.48
N ILE B 121 15.66 18.93 -12.16
CA ILE B 121 16.05 17.69 -12.80
C ILE B 121 16.94 17.96 -14.01
N LEU B 122 16.56 18.93 -14.84
CA LEU B 122 17.34 19.22 -16.02
C LEU B 122 18.71 19.79 -15.72
N GLY B 123 18.93 20.17 -14.48
CA GLY B 123 20.21 20.71 -14.09
C GLY B 123 21.07 19.68 -13.40
N GLN B 124 20.65 18.41 -13.47
CA GLN B 124 21.41 17.35 -12.82
C GLN B 124 22.64 16.95 -13.63
N LEU B 125 23.76 16.81 -12.93
CA LEU B 125 25.02 16.41 -13.53
C LEU B 125 25.44 17.21 -14.76
N VAL B 126 25.09 18.50 -14.80
CA VAL B 126 25.46 19.36 -15.92
C VAL B 126 25.78 20.78 -15.44
N SER B 127 26.39 21.58 -16.32
CA SER B 127 26.75 22.94 -15.99
C SER B 127 25.54 23.87 -16.12
N VAL B 128 25.51 24.91 -15.28
CA VAL B 128 24.43 25.87 -15.26
C VAL B 128 24.06 26.33 -16.67
N ALA B 129 25.07 26.63 -17.48
CA ALA B 129 24.84 27.08 -18.86
C ALA B 129 24.21 26.01 -19.74
N MET B 130 24.52 24.75 -19.46
CA MET B 130 23.96 23.66 -20.25
C MET B 130 22.52 23.40 -19.86
N ALA B 131 22.26 23.33 -18.56
CA ALA B 131 20.91 23.09 -18.08
C ALA B 131 20.02 24.16 -18.67
N ALA B 132 20.58 25.36 -18.79
CA ALA B 132 19.86 26.48 -19.36
C ALA B 132 19.47 26.23 -20.81
N LYS B 133 20.46 25.87 -21.63
CA LYS B 133 20.19 25.60 -23.04
C LYS B 133 19.27 24.37 -23.16
N LEU B 134 19.58 23.35 -22.37
CA LEU B 134 18.77 22.12 -22.38
C LEU B 134 17.33 22.49 -22.07
N THR B 135 17.11 23.20 -20.95
CA THR B 135 15.75 23.62 -20.58
C THR B 135 15.12 24.44 -21.69
N ALA B 136 15.92 25.32 -22.27
CA ALA B 136 15.45 26.19 -23.34
C ALA B 136 14.83 25.38 -24.46
N ARG B 137 15.50 24.30 -24.83
CA ARG B 137 15.00 23.44 -25.90
C ARG B 137 13.64 22.91 -25.46
N VAL B 138 13.60 22.32 -24.26
CA VAL B 138 12.37 21.76 -23.72
C VAL B 138 11.26 22.80 -23.77
N ALA B 139 11.61 24.03 -23.44
CA ALA B 139 10.62 25.10 -23.43
C ALA B 139 10.06 25.35 -24.81
N GLN B 140 10.94 25.43 -25.80
CA GLN B 140 10.51 25.71 -27.16
C GLN B 140 9.74 24.57 -27.79
N LEU B 141 10.12 23.33 -27.45
CA LEU B 141 9.47 22.16 -28.00
C LEU B 141 8.09 21.84 -27.44
N TYR B 142 7.74 22.42 -26.29
CA TYR B 142 6.43 22.15 -25.67
C TYR B 142 5.76 23.37 -25.04
N GLY B 143 6.31 24.56 -25.28
CA GLY B 143 5.74 25.75 -24.69
C GLY B 143 4.53 26.40 -25.36
N GLU B 144 4.06 27.47 -24.74
CA GLU B 144 2.90 28.23 -25.22
C GLU B 144 3.33 29.65 -25.59
N ARG B 145 3.56 29.86 -26.88
CA ARG B 145 3.97 31.16 -27.40
C ARG B 145 2.92 32.21 -27.09
N LEU B 146 3.37 33.42 -26.74
CA LEU B 146 2.46 34.53 -26.44
C LEU B 146 2.14 35.29 -27.73
N ASP B 147 0.86 35.48 -28.02
CA ASP B 147 0.46 36.19 -29.23
C ASP B 147 0.87 37.66 -29.20
N ASP B 148 0.73 38.28 -28.04
CA ASP B 148 1.07 39.68 -27.90
C ASP B 148 2.56 39.97 -27.72
N PHE B 149 3.38 38.93 -27.57
CA PHE B 149 4.83 39.08 -27.41
C PHE B 149 5.50 37.83 -27.98
N PRO B 150 5.47 37.71 -29.31
CA PRO B 150 6.02 36.61 -30.09
C PRO B 150 7.32 35.97 -29.63
N GLU B 151 8.27 36.74 -29.11
CA GLU B 151 9.53 36.12 -28.69
C GLU B 151 9.48 35.45 -27.33
N TYR B 152 8.38 35.65 -26.61
CA TYR B 152 8.20 35.04 -25.29
C TYR B 152 7.34 33.79 -25.36
N ILE B 153 7.76 32.74 -24.67
CA ILE B 153 7.02 31.49 -24.63
C ILE B 153 6.88 31.00 -23.18
N CYS B 154 5.65 30.67 -22.79
CA CYS B 154 5.37 30.19 -21.45
C CYS B 154 6.01 28.84 -21.19
N PHE B 155 6.43 28.60 -19.96
CA PHE B 155 7.04 27.33 -19.61
C PHE B 155 6.02 26.22 -19.85
N PRO B 156 6.47 25.04 -20.29
CA PRO B 156 5.58 23.90 -20.56
C PRO B 156 4.67 23.54 -19.39
N THR B 157 3.40 23.25 -19.70
CA THR B 157 2.43 22.88 -18.67
C THR B 157 2.58 21.39 -18.34
N PRO B 158 2.09 20.97 -17.16
CA PRO B 158 2.19 19.56 -16.77
C PRO B 158 1.48 18.60 -17.75
N GLN B 159 0.34 19.02 -18.28
CA GLN B 159 -0.40 18.17 -19.22
C GLN B 159 0.44 17.97 -20.47
N ARG B 160 0.99 19.05 -20.99
CA ARG B 160 1.81 19.00 -22.18
C ARG B 160 3.05 18.12 -22.03
N LEU B 161 3.71 18.18 -20.87
CA LEU B 161 4.91 17.37 -20.63
C LEU B 161 4.55 15.95 -20.21
N ALA B 162 3.32 15.75 -19.78
CA ALA B 162 2.88 14.43 -19.36
C ALA B 162 2.71 13.63 -20.64
N ALA B 163 2.09 14.27 -21.62
CA ALA B 163 1.84 13.66 -22.92
C ALA B 163 2.98 14.01 -23.85
N ALA B 164 4.19 13.53 -23.54
CA ALA B 164 5.35 13.83 -24.38
C ALA B 164 6.13 12.56 -24.68
N ASP B 165 6.63 12.44 -25.90
CA ASP B 165 7.41 11.27 -26.30
C ASP B 165 8.73 11.22 -25.54
N PRO B 166 8.89 10.21 -24.67
CA PRO B 166 10.09 10.03 -23.85
C PRO B 166 11.36 9.99 -24.67
N GLN B 167 11.21 9.88 -25.98
CA GLN B 167 12.38 9.83 -26.86
C GLN B 167 12.67 11.25 -27.33
N ALA B 168 11.63 11.99 -27.71
CA ALA B 168 11.79 13.37 -28.17
C ALA B 168 12.60 14.17 -27.15
N LEU B 169 12.27 14.01 -25.87
CA LEU B 169 12.99 14.71 -24.82
C LEU B 169 14.45 14.28 -24.87
N LYS B 170 14.68 12.97 -24.87
CA LYS B 170 16.03 12.44 -24.94
C LYS B 170 16.78 13.14 -26.06
N ALA B 171 16.12 13.24 -27.21
CA ALA B 171 16.69 13.88 -28.39
C ALA B 171 17.29 15.24 -28.07
N LEU B 172 16.51 16.08 -27.40
CA LEU B 172 16.96 17.41 -27.05
C LEU B 172 18.29 17.42 -26.31
N GLY B 173 18.64 16.29 -25.70
CA GLY B 173 19.93 16.24 -25.02
C GLY B 173 19.98 15.71 -23.60
N MET B 174 19.28 14.61 -23.33
CA MET B 174 19.27 14.05 -21.98
C MET B 174 19.10 12.53 -22.02
N PRO B 175 19.52 11.84 -20.94
CA PRO B 175 19.42 10.39 -20.83
C PRO B 175 17.96 9.95 -20.95
N LEU B 176 17.72 8.65 -20.87
CA LEU B 176 16.36 8.14 -20.95
C LEU B 176 15.69 8.30 -19.59
N LYS B 177 16.40 7.94 -18.53
CA LYS B 177 15.86 8.07 -17.18
C LYS B 177 15.61 9.54 -16.85
N ARG B 178 16.30 10.42 -17.57
CA ARG B 178 16.18 11.86 -17.39
C ARG B 178 14.79 12.30 -17.84
N ALA B 179 14.44 11.93 -19.07
CA ALA B 179 13.16 12.27 -19.66
C ALA B 179 11.99 11.58 -18.97
N GLU B 180 12.27 10.43 -18.37
CA GLU B 180 11.20 9.73 -17.68
C GLU B 180 10.93 10.45 -16.37
N ALA B 181 11.97 11.11 -15.85
CA ALA B 181 11.86 11.85 -14.62
C ALA B 181 10.88 13.00 -14.82
N LEU B 182 11.00 13.66 -15.97
CA LEU B 182 10.12 14.78 -16.29
C LEU B 182 8.70 14.30 -16.44
N ILE B 183 8.49 13.36 -17.35
CA ILE B 183 7.16 12.84 -17.59
C ILE B 183 6.48 12.40 -16.30
N HIS B 184 7.25 11.82 -15.38
CA HIS B 184 6.65 11.42 -14.11
C HIS B 184 6.30 12.65 -13.29
N LEU B 185 7.21 13.61 -13.23
CA LEU B 185 6.98 14.83 -12.45
C LEU B 185 5.71 15.51 -12.93
N ALA B 186 5.55 15.59 -14.24
CA ALA B 186 4.37 16.22 -14.82
C ALA B 186 3.09 15.52 -14.35
N ASN B 187 3.02 14.21 -14.46
CA ASN B 187 1.83 13.49 -14.02
C ASN B 187 1.51 13.83 -12.58
N ALA B 188 2.54 13.74 -11.73
CA ALA B 188 2.38 14.06 -10.33
C ALA B 188 1.75 15.45 -10.22
N ALA B 189 2.21 16.38 -11.05
CA ALA B 189 1.68 17.75 -11.04
C ALA B 189 0.24 17.77 -11.50
N LEU B 190 -0.10 16.89 -12.43
CA LEU B 190 -1.47 16.84 -12.93
C LEU B 190 -2.46 16.36 -11.88
N GLU B 191 -2.05 15.38 -11.07
CA GLU B 191 -2.92 14.83 -10.03
C GLU B 191 -2.78 15.44 -8.63
N GLY B 192 -1.88 16.40 -8.50
CA GLY B 192 -1.70 17.05 -7.21
C GLY B 192 -0.79 16.34 -6.23
N THR B 193 0.12 15.51 -6.72
CA THR B 193 1.03 14.79 -5.84
C THR B 193 2.32 15.58 -5.57
N LEU B 194 2.66 16.51 -6.47
CA LEU B 194 3.85 17.35 -6.31
C LEU B 194 3.41 18.57 -5.50
N PRO B 195 3.95 18.74 -4.29
CA PRO B 195 3.51 19.91 -3.53
C PRO B 195 3.90 21.22 -4.23
N MET B 196 2.91 22.08 -4.44
CA MET B 196 3.16 23.35 -5.11
C MET B 196 3.50 24.46 -4.12
N THR B 197 3.27 24.21 -2.84
CA THR B 197 3.59 25.20 -1.84
C THR B 197 4.30 24.48 -0.71
N ILE B 198 5.13 25.19 0.03
CA ILE B 198 5.87 24.57 1.11
C ILE B 198 5.01 23.81 2.10
N PRO B 199 5.31 22.51 2.27
CA PRO B 199 4.58 21.64 3.19
C PRO B 199 5.05 21.86 4.63
N GLY B 200 4.15 21.55 5.57
CA GLY B 200 4.47 21.72 6.98
C GLY B 200 5.61 20.88 7.46
N ASP B 201 5.87 19.77 6.77
CA ASP B 201 6.96 18.87 7.15
C ASP B 201 7.89 18.74 5.98
N VAL B 202 8.78 19.71 5.82
CA VAL B 202 9.71 19.68 4.69
C VAL B 202 10.50 18.37 4.61
N GLU B 203 10.98 17.90 5.75
CA GLU B 203 11.75 16.66 5.77
C GLU B 203 10.93 15.51 5.20
N GLN B 204 9.75 15.30 5.75
CA GLN B 204 8.91 14.21 5.28
C GLN B 204 8.53 14.40 3.84
N ALA B 205 8.19 15.63 3.46
CA ALA B 205 7.79 15.86 2.08
C ALA B 205 8.94 15.49 1.15
N MET B 206 10.16 15.87 1.52
CA MET B 206 11.34 15.56 0.72
C MET B 206 11.58 14.06 0.63
N LYS B 207 11.35 13.38 1.74
CA LYS B 207 11.54 11.93 1.78
C LYS B 207 10.68 11.32 0.67
N THR B 208 9.42 11.71 0.64
CA THR B 208 8.49 11.20 -0.38
C THR B 208 8.99 11.52 -1.79
N LEU B 209 9.46 12.74 -1.97
CA LEU B 209 9.95 13.15 -3.27
C LEU B 209 11.05 12.22 -3.77
N GLN B 210 11.91 11.78 -2.87
CA GLN B 210 12.99 10.89 -3.25
C GLN B 210 12.48 9.55 -3.79
N THR B 211 11.17 9.28 -3.63
CA THR B 211 10.60 8.04 -4.14
C THR B 211 10.18 8.24 -5.58
N PHE B 212 10.38 9.46 -6.08
CA PHE B 212 10.06 9.80 -7.46
C PHE B 212 11.19 9.30 -8.32
N PRO B 213 10.89 8.70 -9.48
CA PRO B 213 12.02 8.24 -10.28
C PRO B 213 12.81 9.45 -10.74
N GLY B 214 14.12 9.29 -10.82
CA GLY B 214 14.95 10.39 -11.28
C GLY B 214 15.15 11.49 -10.26
N ILE B 215 14.46 11.41 -9.13
CA ILE B 215 14.59 12.43 -8.09
C ILE B 215 15.26 11.87 -6.85
N GLY B 216 16.54 12.20 -6.67
CA GLY B 216 17.27 11.73 -5.50
C GLY B 216 17.36 12.77 -4.39
N ARG B 217 18.00 12.42 -3.28
CA ARG B 217 18.10 13.36 -2.17
C ARG B 217 18.59 14.74 -2.58
N TRP B 218 19.49 14.83 -3.55
CA TRP B 218 19.98 16.13 -3.96
C TRP B 218 18.87 16.97 -4.58
N THR B 219 18.22 16.44 -5.61
CA THR B 219 17.15 17.16 -6.26
C THR B 219 16.08 17.53 -5.23
N ALA B 220 15.72 16.60 -4.37
CA ALA B 220 14.72 16.87 -3.35
C ALA B 220 15.16 18.02 -2.42
N ASN B 221 16.45 18.14 -2.16
CA ASN B 221 16.92 19.21 -1.30
C ASN B 221 16.86 20.52 -2.07
N TYR B 222 17.45 20.53 -3.26
CA TYR B 222 17.47 21.72 -4.10
C TYR B 222 16.08 22.16 -4.50
N PHE B 223 15.15 21.20 -4.59
CA PHE B 223 13.80 21.53 -4.97
C PHE B 223 13.08 22.22 -3.81
N ALA B 224 13.33 21.74 -2.60
CA ALA B 224 12.71 22.32 -1.43
C ALA B 224 13.19 23.76 -1.29
N LEU B 225 14.49 23.97 -1.48
CA LEU B 225 15.10 25.29 -1.36
C LEU B 225 14.52 26.32 -2.34
N ARG B 226 14.51 25.98 -3.63
CA ARG B 226 14.05 26.88 -4.66
C ARG B 226 12.55 26.83 -5.00
N GLY B 227 12.03 25.63 -5.16
CA GLY B 227 10.61 25.48 -5.48
C GLY B 227 9.71 25.82 -4.30
N TRP B 228 10.11 25.47 -3.08
CA TRP B 228 9.28 25.78 -1.93
C TRP B 228 9.79 26.97 -1.15
N GLN B 229 11.02 27.40 -1.44
CA GLN B 229 11.66 28.49 -0.71
C GLN B 229 11.81 28.12 0.76
N ALA B 230 12.01 26.83 1.02
CA ALA B 230 12.22 26.36 2.38
C ALA B 230 13.50 27.05 2.85
N LYS B 231 13.51 27.55 4.09
CA LYS B 231 14.67 28.28 4.56
C LYS B 231 15.66 27.55 5.46
N ASP B 232 15.43 26.27 5.73
CA ASP B 232 16.37 25.57 6.60
C ASP B 232 16.85 24.22 6.07
N VAL B 233 17.10 24.15 4.76
CA VAL B 233 17.62 22.92 4.18
C VAL B 233 19.09 23.18 3.82
N PHE B 234 19.81 22.13 3.46
CA PHE B 234 21.22 22.26 3.13
C PHE B 234 21.48 21.20 2.06
N LEU B 235 22.55 21.33 1.30
CA LEU B 235 22.83 20.35 0.26
C LEU B 235 24.17 19.67 0.44
N PRO B 236 24.28 18.79 1.44
CA PRO B 236 25.54 18.09 1.69
C PRO B 236 26.02 17.20 0.53
N ASP B 237 25.12 16.87 -0.39
CA ASP B 237 25.50 16.02 -1.51
C ASP B 237 25.83 16.84 -2.73
N ASP B 238 25.89 18.16 -2.55
CA ASP B 238 26.20 19.04 -3.66
C ASP B 238 27.69 18.94 -4.02
N TYR B 239 27.98 18.90 -5.32
CA TYR B 239 29.35 18.81 -5.77
C TYR B 239 30.21 19.92 -5.17
N LEU B 240 29.79 21.16 -5.42
CA LEU B 240 30.49 22.34 -4.92
C LEU B 240 30.53 22.36 -3.40
N ILE B 241 29.45 21.95 -2.77
CA ILE B 241 29.41 21.93 -1.31
C ILE B 241 30.49 21.02 -0.75
N LYS B 242 30.65 19.84 -1.34
CA LYS B 242 31.65 18.88 -0.88
C LYS B 242 33.04 19.52 -0.87
N GLN B 243 33.36 20.25 -1.94
CA GLN B 243 34.65 20.91 -2.06
C GLN B 243 34.83 22.02 -1.03
N ARG B 244 33.72 22.60 -0.58
CA ARG B 244 33.80 23.66 0.42
C ARG B 244 34.04 23.04 1.79
N PHE B 245 33.93 21.73 1.88
CA PHE B 245 34.17 21.01 3.14
C PHE B 245 35.16 19.86 2.91
N PRO B 246 36.26 20.13 2.19
CA PRO B 246 37.30 19.14 1.87
C PRO B 246 37.31 17.89 2.74
N GLY B 247 37.07 16.74 2.12
CA GLY B 247 37.08 15.48 2.84
C GLY B 247 35.75 15.08 3.47
N MET B 248 35.32 15.83 4.49
CA MET B 248 34.08 15.58 5.21
C MET B 248 32.99 14.83 4.44
N THR B 249 32.23 14.00 5.16
CA THR B 249 31.16 13.21 4.56
C THR B 249 29.79 13.84 4.75
N PRO B 250 28.88 13.61 3.79
CA PRO B 250 27.52 14.14 3.81
C PRO B 250 26.89 14.23 5.20
N ALA B 251 27.23 13.31 6.08
CA ALA B 251 26.66 13.35 7.42
C ALA B 251 27.41 14.33 8.31
N GLN B 252 28.72 14.40 8.11
CA GLN B 252 29.56 15.31 8.89
C GLN B 252 29.23 16.75 8.52
N ILE B 253 29.14 17.01 7.21
CA ILE B 253 28.78 18.35 6.73
C ILE B 253 27.47 18.70 7.40
N ARG B 254 26.47 17.87 7.11
CA ARG B 254 25.14 18.01 7.64
C ARG B 254 25.16 18.40 9.11
N ARG B 255 26.04 17.75 9.87
CA ARG B 255 26.15 18.02 11.31
C ARG B 255 26.84 19.34 11.62
N TYR B 256 27.80 19.73 10.80
CA TYR B 256 28.47 21.01 11.02
C TYR B 256 27.50 22.12 10.64
N ALA B 257 26.67 21.85 9.64
CA ALA B 257 25.70 22.82 9.15
C ALA B 257 24.61 23.17 10.17
N GLU B 258 24.33 22.25 11.08
CA GLU B 258 23.29 22.48 12.06
C GLU B 258 23.50 23.76 12.85
N ARG B 259 24.75 24.23 12.91
CA ARG B 259 25.02 25.45 13.66
C ARG B 259 24.29 26.64 13.06
N TRP B 260 23.67 26.45 11.90
CA TRP B 260 22.95 27.53 11.25
C TRP B 260 21.43 27.41 11.25
N LYS B 261 20.89 26.47 12.02
CA LYS B 261 19.44 26.33 12.11
C LYS B 261 18.98 27.64 12.69
N PRO B 262 17.80 28.14 12.28
CA PRO B 262 16.86 27.56 11.33
C PRO B 262 17.01 28.25 9.99
N TRP B 263 18.23 28.62 9.64
CA TRP B 263 18.44 29.32 8.38
C TRP B 263 19.50 28.65 7.53
N ARG B 264 19.52 27.32 7.53
CA ARG B 264 20.53 26.63 6.75
C ARG B 264 20.49 26.94 5.27
N SER B 265 19.31 27.22 4.72
CA SER B 265 19.20 27.55 3.31
C SER B 265 20.07 28.76 2.97
N TYR B 266 20.07 29.75 3.87
CA TYR B 266 20.86 30.95 3.68
C TYR B 266 22.34 30.62 3.80
N ALA B 267 22.68 29.90 4.87
CA ALA B 267 24.07 29.50 5.09
C ALA B 267 24.62 28.89 3.80
N LEU B 268 23.83 27.99 3.22
CA LEU B 268 24.21 27.32 1.97
C LEU B 268 24.58 28.34 0.89
N LEU B 269 23.67 29.25 0.61
CA LEU B 269 23.89 30.28 -0.38
C LEU B 269 25.19 31.05 -0.12
N HIS B 270 25.40 31.50 1.10
CA HIS B 270 26.62 32.22 1.39
C HIS B 270 27.87 31.37 1.09
N ILE B 271 27.82 30.09 1.45
CA ILE B 271 28.95 29.19 1.24
C ILE B 271 29.21 28.91 -0.24
N TRP B 272 28.14 28.79 -1.02
CA TRP B 272 28.26 28.56 -2.45
C TRP B 272 28.99 29.73 -3.08
N TYR B 273 28.62 30.94 -2.66
CA TYR B 273 29.21 32.15 -3.21
C TYR B 273 30.33 32.82 -2.42
N THR B 274 31.13 32.01 -1.74
CA THR B 274 32.29 32.49 -0.99
C THR B 274 33.35 31.45 -1.36
N GLU B 275 34.26 31.81 -2.25
CA GLU B 275 35.26 30.86 -2.72
C GLU B 275 36.17 30.18 -1.71
N GLY B 276 37.17 30.90 -1.23
CA GLY B 276 38.10 30.29 -0.29
C GLY B 276 37.50 29.83 1.03
N TRP B 277 36.19 29.67 1.09
CA TRP B 277 35.57 29.25 2.34
C TRP B 277 35.92 27.84 2.77
N GLN B 278 36.17 27.70 4.06
CA GLN B 278 36.50 26.41 4.66
C GLN B 278 36.08 26.52 6.12
N PRO B 279 35.62 25.40 6.69
CA PRO B 279 35.17 25.36 8.08
C PRO B 279 36.25 25.60 9.10
N ASP B 280 35.86 25.79 10.35
CA ASP B 280 36.83 26.00 11.40
C ASP B 280 37.62 24.71 11.50
N GLU B 281 38.94 24.81 11.43
CA GLU B 281 39.82 23.65 11.51
C GLU B 281 39.59 22.95 12.85
N ALA B 282 39.04 23.69 13.81
CA ALA B 282 38.75 23.21 15.15
C ALA B 282 37.99 21.89 15.16
N MET C 1 -5.20 50.24 2.74
CA MET C 1 -3.90 50.55 2.09
C MET C 1 -3.79 49.96 0.68
N TYR C 2 -3.74 48.62 0.56
CA TYR C 2 -3.63 47.96 -0.75
C TYR C 2 -4.94 47.95 -1.52
N THR C 3 -4.84 47.91 -2.85
CA THR C 3 -6.04 47.87 -3.66
C THR C 3 -5.99 46.92 -4.84
N LEU C 4 -7.08 46.18 -5.03
CA LEU C 4 -7.23 45.21 -6.11
C LEU C 4 -8.56 45.52 -6.80
N ASN C 5 -8.59 45.45 -8.12
CA ASN C 5 -9.82 45.75 -8.85
C ASN C 5 -10.57 44.52 -9.33
N TRP C 6 -11.76 44.75 -9.88
CA TRP C 6 -12.59 43.66 -10.41
C TRP C 6 -13.39 44.15 -11.62
N GLN C 7 -13.97 43.20 -12.36
CA GLN C 7 -14.78 43.53 -13.53
C GLN C 7 -16.27 43.40 -13.15
N PRO C 8 -17.05 44.49 -13.26
CA PRO C 8 -18.48 44.51 -12.93
C PRO C 8 -19.30 43.57 -13.81
N PRO C 9 -20.46 43.13 -13.32
CA PRO C 9 -21.03 43.44 -12.01
C PRO C 9 -20.59 42.48 -10.90
N TYR C 10 -20.57 42.97 -9.66
CA TYR C 10 -20.18 42.16 -8.49
C TYR C 10 -21.24 42.31 -7.40
N ASP C 11 -21.87 41.20 -7.05
CA ASP C 11 -22.91 41.19 -6.03
C ASP C 11 -22.33 41.09 -4.63
N TRP C 12 -21.62 42.14 -4.18
CA TRP C 12 -21.02 42.14 -2.86
C TRP C 12 -22.01 41.76 -1.79
N SER C 13 -23.27 42.17 -1.99
CA SER C 13 -24.34 41.86 -1.05
C SER C 13 -24.36 40.36 -0.80
N TRP C 14 -24.45 39.60 -1.89
CA TRP C 14 -24.50 38.14 -1.84
C TRP C 14 -23.21 37.52 -1.28
N MET C 15 -22.08 37.91 -1.85
CA MET C 15 -20.79 37.39 -1.40
C MET C 15 -20.63 37.46 0.12
N LEU C 16 -20.86 38.65 0.66
CA LEU C 16 -20.73 38.88 2.09
C LEU C 16 -21.77 38.10 2.88
N GLY C 17 -22.97 37.96 2.32
CA GLY C 17 -24.01 37.21 3.01
C GLY C 17 -23.61 35.75 3.17
N PHE C 18 -23.17 35.16 2.06
CA PHE C 18 -22.73 33.77 2.02
C PHE C 18 -21.67 33.56 3.09
N LEU C 19 -20.66 34.41 3.04
CA LEU C 19 -19.56 34.34 3.99
C LEU C 19 -20.02 34.59 5.41
N ALA C 20 -20.93 35.55 5.58
CA ALA C 20 -21.42 35.89 6.91
C ALA C 20 -22.11 34.69 7.56
N ALA C 21 -22.81 33.91 6.74
CA ALA C 21 -23.51 32.74 7.25
C ALA C 21 -22.56 31.66 7.74
N ARG C 22 -21.41 31.56 7.09
CA ARG C 22 -20.41 30.55 7.42
C ARG C 22 -19.24 31.07 8.25
N ALA C 23 -19.33 32.33 8.66
CA ALA C 23 -18.27 32.95 9.44
C ALA C 23 -17.96 32.19 10.73
N VAL C 24 -16.67 32.07 11.07
CA VAL C 24 -16.29 31.37 12.30
C VAL C 24 -15.94 32.40 13.37
N SER C 25 -16.59 32.30 14.52
CA SER C 25 -16.36 33.23 15.63
C SER C 25 -14.90 33.29 16.09
N SER C 26 -14.41 34.51 16.28
CA SER C 26 -13.04 34.78 16.72
C SER C 26 -12.07 34.71 15.55
N VAL C 27 -12.51 34.12 14.45
CA VAL C 27 -11.71 33.99 13.26
C VAL C 27 -12.06 35.07 12.26
N GLU C 28 -13.35 35.17 11.93
CA GLU C 28 -13.80 36.16 10.95
C GLU C 28 -14.84 37.12 11.50
N THR C 29 -15.04 38.22 10.79
CA THR C 29 -16.01 39.24 11.17
C THR C 29 -16.59 39.74 9.85
N VAL C 30 -17.90 39.59 9.65
CA VAL C 30 -18.49 40.03 8.39
C VAL C 30 -19.55 41.13 8.52
N ALA C 31 -19.22 42.33 8.07
CA ALA C 31 -20.15 43.46 8.10
C ALA C 31 -20.76 43.60 6.71
N ASP C 32 -21.59 44.63 6.53
CA ASP C 32 -22.25 44.86 5.25
C ASP C 32 -21.38 45.64 4.27
N SER C 33 -20.33 46.26 4.79
CA SER C 33 -19.44 47.05 3.97
C SER C 33 -18.01 46.50 3.92
N TYR C 34 -17.70 45.57 4.82
CA TYR C 34 -16.36 45.00 4.85
C TYR C 34 -16.31 43.58 5.40
N TYR C 35 -15.19 42.91 5.10
CA TYR C 35 -14.92 41.55 5.56
C TYR C 35 -13.55 41.59 6.24
N ALA C 36 -13.38 40.83 7.31
CA ALA C 36 -12.10 40.81 8.00
C ALA C 36 -11.89 39.51 8.77
N ARG C 37 -10.65 39.09 8.91
CA ARG C 37 -10.37 37.85 9.61
C ARG C 37 -8.92 37.78 10.00
N SER C 38 -8.61 36.80 10.85
CA SER C 38 -7.23 36.58 11.25
C SER C 38 -6.60 35.86 10.07
N LEU C 39 -5.29 35.91 9.98
CA LEU C 39 -4.61 35.29 8.87
C LEU C 39 -3.16 34.98 9.18
N ALA C 40 -2.77 33.76 8.84
CA ALA C 40 -1.40 33.34 9.06
C ALA C 40 -0.82 32.83 7.75
N VAL C 41 0.42 33.19 7.50
CA VAL C 41 1.12 32.75 6.31
C VAL C 41 2.48 32.38 6.89
N GLY C 42 2.71 31.08 7.03
CA GLY C 42 3.96 30.63 7.63
C GLY C 42 3.92 31.14 9.06
N GLU C 43 4.97 31.82 9.49
CA GLU C 43 5.01 32.33 10.85
C GLU C 43 4.52 33.77 10.93
N TYR C 44 4.06 34.29 9.80
CA TYR C 44 3.55 35.66 9.75
C TYR C 44 2.08 35.67 10.09
N ARG C 45 1.71 36.43 11.11
CA ARG C 45 0.32 36.47 11.52
C ARG C 45 -0.24 37.89 11.61
N GLY C 46 -1.56 38.00 11.53
CA GLY C 46 -2.21 39.30 11.62
C GLY C 46 -3.66 39.28 11.21
N VAL C 47 -4.24 40.47 11.06
CA VAL C 47 -5.63 40.57 10.65
C VAL C 47 -5.69 41.20 9.27
N VAL C 48 -6.70 40.79 8.49
CA VAL C 48 -6.89 41.30 7.15
C VAL C 48 -8.25 41.95 7.11
N THR C 49 -8.33 43.08 6.43
CA THR C 49 -9.61 43.77 6.28
C THR C 49 -9.78 44.03 4.80
N ALA C 50 -10.98 43.76 4.32
CA ALA C 50 -11.28 43.97 2.91
C ALA C 50 -12.53 44.84 2.86
N ILE C 51 -12.38 46.01 2.28
CA ILE C 51 -13.50 46.93 2.15
C ILE C 51 -13.73 47.14 0.69
N PRO C 52 -14.88 46.68 0.18
CA PRO C 52 -15.14 46.86 -1.26
C PRO C 52 -15.80 48.19 -1.56
N ASP C 53 -15.30 48.86 -2.60
CA ASP C 53 -15.84 50.13 -3.02
C ASP C 53 -16.51 49.97 -4.39
N ILE C 54 -17.83 49.73 -4.39
CA ILE C 54 -18.59 49.54 -5.62
C ILE C 54 -18.33 50.68 -6.61
N ALA C 55 -18.54 51.90 -6.13
CA ALA C 55 -18.34 53.12 -6.90
C ALA C 55 -17.21 52.98 -7.91
N ARG C 56 -16.01 52.74 -7.40
CA ARG C 56 -14.82 52.55 -8.24
C ARG C 56 -14.52 51.09 -8.52
N HIS C 57 -15.44 50.21 -8.16
CA HIS C 57 -15.28 48.76 -8.32
C HIS C 57 -13.85 48.27 -8.09
N THR C 58 -13.41 48.46 -6.86
CA THR C 58 -12.08 48.09 -6.41
C THR C 58 -12.23 47.51 -4.99
N LEU C 59 -11.23 46.77 -4.54
CA LEU C 59 -11.29 46.19 -3.21
C LEU C 59 -10.16 46.76 -2.36
N HIS C 60 -10.54 47.34 -1.22
CA HIS C 60 -9.59 47.93 -0.29
C HIS C 60 -9.11 46.83 0.64
N ILE C 61 -7.79 46.61 0.66
CA ILE C 61 -7.21 45.60 1.52
C ILE C 61 -6.20 46.18 2.47
N ASN C 62 -6.49 46.06 3.77
CA ASN C 62 -5.60 46.55 4.79
C ASN C 62 -5.00 45.35 5.52
N LEU C 63 -3.70 45.46 5.84
CA LEU C 63 -2.99 44.39 6.51
C LEU C 63 -2.31 44.80 7.82
N SER C 64 -2.58 44.04 8.88
CA SER C 64 -1.94 44.26 10.18
C SER C 64 -0.42 44.23 9.92
N ALA C 65 0.37 44.87 10.76
CA ALA C 65 1.83 44.91 10.56
C ALA C 65 2.50 43.54 10.44
N GLY C 66 1.97 42.55 11.16
CA GLY C 66 2.56 41.22 11.13
C GLY C 66 2.54 40.52 9.79
N LEU C 67 1.65 40.92 8.90
CA LEU C 67 1.56 40.27 7.60
C LEU C 67 2.24 41.07 6.50
N GLU C 68 2.63 42.30 6.79
CA GLU C 68 3.28 43.14 5.81
C GLU C 68 4.43 42.43 5.06
N PRO C 69 5.26 41.65 5.76
CA PRO C 69 6.36 40.96 5.06
C PRO C 69 5.86 40.01 3.96
N VAL C 70 4.65 39.46 4.08
CA VAL C 70 4.11 38.57 3.06
C VAL C 70 2.83 39.13 2.45
N ALA C 71 2.84 40.44 2.27
CA ALA C 71 1.70 41.18 1.70
C ALA C 71 1.13 40.54 0.42
N ALA C 72 1.96 40.43 -0.61
CA ALA C 72 1.54 39.86 -1.89
C ALA C 72 0.76 38.54 -1.77
N GLU C 73 1.27 37.61 -0.96
CA GLU C 73 0.54 36.38 -0.78
C GLU C 73 -0.82 36.68 -0.15
N CYS C 74 -0.83 37.56 0.84
CA CYS C 74 -2.10 37.92 1.48
C CYS C 74 -3.03 38.44 0.40
N LEU C 75 -2.49 39.25 -0.50
CA LEU C 75 -3.30 39.79 -1.57
C LEU C 75 -3.84 38.66 -2.46
N ALA C 76 -2.96 37.76 -2.90
CA ALA C 76 -3.36 36.65 -3.75
C ALA C 76 -4.43 35.81 -3.06
N LYS C 77 -4.31 35.69 -1.73
CA LYS C 77 -5.30 34.92 -1.01
C LYS C 77 -6.66 35.62 -1.01
N MET C 78 -6.69 36.94 -0.81
CA MET C 78 -7.97 37.66 -0.84
C MET C 78 -8.57 37.57 -2.26
N SER C 79 -7.72 37.54 -3.28
CA SER C 79 -8.22 37.45 -4.64
C SER C 79 -8.84 36.08 -4.95
N ARG C 80 -8.37 35.03 -4.29
CA ARG C 80 -8.93 33.70 -4.51
C ARG C 80 -10.22 33.57 -3.71
N LEU C 81 -10.26 34.20 -2.54
CA LEU C 81 -11.45 34.15 -1.73
C LEU C 81 -12.60 34.88 -2.41
N PHE C 82 -12.30 36.00 -3.08
CA PHE C 82 -13.33 36.79 -3.74
C PHE C 82 -13.51 36.63 -5.24
N ASP C 83 -12.77 35.72 -5.85
CA ASP C 83 -12.92 35.45 -7.29
C ASP C 83 -12.90 36.74 -8.13
N LEU C 84 -11.88 37.56 -7.94
CA LEU C 84 -11.79 38.82 -8.66
C LEU C 84 -11.33 38.67 -10.12
N GLN C 85 -10.97 37.46 -10.51
CA GLN C 85 -10.53 37.22 -11.89
C GLN C 85 -11.73 36.99 -12.80
N CYS C 86 -12.86 36.63 -12.21
CA CYS C 86 -14.06 36.33 -12.95
C CYS C 86 -14.50 37.39 -13.96
N ASN C 87 -14.82 36.92 -15.17
CA ASN C 87 -15.32 37.76 -16.25
C ASN C 87 -16.79 37.41 -16.35
N PRO C 88 -17.65 38.11 -15.59
CA PRO C 88 -19.09 37.86 -15.59
C PRO C 88 -19.68 37.77 -16.99
N GLN C 89 -19.10 38.52 -17.92
CA GLN C 89 -19.59 38.51 -19.28
C GLN C 89 -19.38 37.16 -19.94
N ILE C 90 -18.31 36.45 -19.56
CA ILE C 90 -18.04 35.13 -20.15
C ILE C 90 -18.88 34.03 -19.50
N VAL C 91 -19.15 34.15 -18.21
CA VAL C 91 -19.94 33.14 -17.51
C VAL C 91 -21.42 33.35 -17.76
N ASN C 92 -21.91 34.55 -17.44
CA ASN C 92 -23.31 34.86 -17.65
C ASN C 92 -23.71 34.69 -19.12
N GLY C 93 -22.72 34.72 -20.00
CA GLY C 93 -22.99 34.56 -21.41
C GLY C 93 -23.01 33.09 -21.81
N ALA C 94 -22.43 32.24 -20.97
CA ALA C 94 -22.41 30.82 -21.25
C ALA C 94 -23.50 30.11 -20.47
N LEU C 95 -24.16 30.83 -19.56
CA LEU C 95 -25.23 30.23 -18.76
C LEU C 95 -26.63 30.70 -19.14
N GLY C 96 -26.72 31.83 -19.85
CA GLY C 96 -28.02 32.34 -20.25
C GLY C 96 -28.88 32.75 -19.07
N ARG C 97 -30.13 32.32 -19.08
CA ARG C 97 -31.10 32.66 -18.03
C ARG C 97 -30.71 32.32 -16.60
N LEU C 98 -30.12 31.15 -16.40
CA LEU C 98 -29.72 30.67 -15.09
C LEU C 98 -28.95 31.76 -14.33
N GLY C 99 -28.14 32.51 -15.06
CA GLY C 99 -27.37 33.58 -14.46
C GLY C 99 -27.91 34.92 -14.91
N ALA C 100 -29.08 35.29 -14.40
CA ALA C 100 -29.69 36.56 -14.76
C ALA C 100 -30.27 37.24 -13.52
N ALA C 101 -30.80 36.42 -12.62
CA ALA C 101 -31.38 36.91 -11.38
C ALA C 101 -30.31 37.51 -10.48
N ARG C 102 -29.05 37.31 -10.85
CA ARG C 102 -27.92 37.82 -10.07
C ARG C 102 -26.62 37.54 -10.81
N PRO C 103 -26.31 38.36 -11.82
CA PRO C 103 -25.10 38.24 -12.64
C PRO C 103 -23.81 38.69 -11.96
N GLY C 104 -23.92 39.21 -10.75
CA GLY C 104 -22.75 39.66 -10.02
C GLY C 104 -22.19 38.49 -9.22
N LEU C 105 -22.94 37.40 -9.25
CA LEU C 105 -22.62 36.15 -8.57
C LEU C 105 -21.15 35.75 -8.77
N ARG C 106 -20.46 35.44 -7.67
CA ARG C 106 -19.06 35.01 -7.70
C ARG C 106 -18.90 33.70 -6.94
N LEU C 107 -17.84 32.95 -7.26
CA LEU C 107 -17.59 31.69 -6.56
C LEU C 107 -16.89 32.04 -5.26
N PRO C 108 -17.54 31.80 -4.12
CA PRO C 108 -16.87 32.12 -2.85
C PRO C 108 -15.69 31.16 -2.64
N GLY C 109 -14.48 31.70 -2.74
CA GLY C 109 -13.28 30.90 -2.55
C GLY C 109 -12.93 30.67 -1.09
N CYS C 110 -11.64 30.60 -0.82
CA CYS C 110 -11.15 30.40 0.53
C CYS C 110 -9.82 31.09 0.65
N VAL C 111 -9.33 31.16 1.88
CA VAL C 111 -8.09 31.83 2.20
C VAL C 111 -6.91 30.87 2.38
N ASP C 112 -7.23 29.60 2.63
CA ASP C 112 -6.24 28.52 2.82
C ASP C 112 -6.93 27.19 2.50
N ALA C 113 -6.33 26.37 1.66
CA ALA C 113 -6.98 25.10 1.29
C ALA C 113 -7.09 24.11 2.45
N PHE C 114 -6.12 24.09 3.37
CA PHE C 114 -6.25 23.16 4.47
C PHE C 114 -7.46 23.57 5.30
N GLU C 115 -7.57 24.86 5.56
CA GLU C 115 -8.68 25.37 6.34
C GLU C 115 -9.99 24.98 5.66
N GLN C 116 -10.07 25.21 4.36
CA GLN C 116 -11.27 24.89 3.60
C GLN C 116 -11.53 23.41 3.70
N GLY C 117 -10.44 22.65 3.82
CA GLY C 117 -10.55 21.21 3.92
C GLY C 117 -11.23 20.84 5.23
N VAL C 118 -10.85 21.51 6.29
CA VAL C 118 -11.45 21.27 7.59
C VAL C 118 -12.92 21.70 7.54
N ARG C 119 -13.18 22.88 6.96
CA ARG C 119 -14.55 23.40 6.88
C ARG C 119 -15.46 22.45 6.09
N ALA C 120 -14.89 21.83 5.06
CA ALA C 120 -15.65 20.92 4.22
C ALA C 120 -16.09 19.70 5.01
N ILE C 121 -15.20 19.18 5.83
CA ILE C 121 -15.54 17.99 6.60
C ILE C 121 -16.55 18.31 7.69
N LEU C 122 -16.29 19.37 8.45
CA LEU C 122 -17.18 19.76 9.54
C LEU C 122 -18.52 20.23 8.98
N GLY C 123 -18.55 20.54 7.69
CA GLY C 123 -19.78 20.99 7.08
C GLY C 123 -20.65 19.81 6.66
N GLN C 124 -20.12 18.60 6.79
CA GLN C 124 -20.87 17.41 6.43
C GLN C 124 -22.11 17.24 7.29
N LEU C 125 -23.23 16.92 6.65
CA LEU C 125 -24.48 16.65 7.33
C LEU C 125 -25.17 17.81 8.06
N VAL C 126 -24.53 18.38 9.06
CA VAL C 126 -25.13 19.46 9.82
C VAL C 126 -25.52 20.68 8.99
N SER C 127 -26.28 21.58 9.60
CA SER C 127 -26.72 22.80 8.92
C SER C 127 -25.53 23.73 8.80
N VAL C 128 -25.68 24.78 8.00
CA VAL C 128 -24.60 25.73 7.83
C VAL C 128 -24.29 26.37 9.19
N ALA C 129 -25.35 26.62 9.96
CA ALA C 129 -25.24 27.24 11.28
C ALA C 129 -24.48 26.39 12.28
N MET C 130 -24.74 25.09 12.25
CA MET C 130 -24.07 24.20 13.17
C MET C 130 -22.62 23.99 12.73
N ALA C 131 -22.38 23.85 11.43
CA ALA C 131 -21.02 23.65 10.96
C ALA C 131 -20.18 24.80 11.48
N ALA C 132 -20.69 26.01 11.31
CA ALA C 132 -19.99 27.20 11.77
C ALA C 132 -19.66 27.10 13.25
N LYS C 133 -20.68 26.83 14.06
CA LYS C 133 -20.47 26.73 15.51
C LYS C 133 -19.46 25.66 15.83
N LEU C 134 -19.59 24.52 15.15
CA LEU C 134 -18.67 23.41 15.38
C LEU C 134 -17.23 23.81 15.02
N THR C 135 -17.09 24.50 13.89
CA THR C 135 -15.79 24.96 13.43
C THR C 135 -15.23 25.97 14.44
N ALA C 136 -16.12 26.73 15.07
CA ALA C 136 -15.69 27.72 16.04
C ALA C 136 -15.00 27.06 17.25
N ARG C 137 -15.52 25.90 17.66
CA ARG C 137 -14.95 25.18 18.79
C ARG C 137 -13.61 24.57 18.45
N VAL C 138 -13.40 24.23 17.18
CA VAL C 138 -12.12 23.65 16.80
C VAL C 138 -11.08 24.77 16.85
N ALA C 139 -11.47 25.94 16.37
CA ALA C 139 -10.58 27.09 16.36
C ALA C 139 -10.21 27.45 17.80
N GLN C 140 -11.22 27.54 18.65
CA GLN C 140 -11.02 27.91 20.04
C GLN C 140 -10.07 26.97 20.79
N LEU C 141 -10.12 25.68 20.48
CA LEU C 141 -9.29 24.70 21.16
C LEU C 141 -7.88 24.52 20.60
N TYR C 142 -7.72 24.65 19.28
CA TYR C 142 -6.41 24.45 18.66
C TYR C 142 -5.84 25.68 18.01
N GLY C 143 -6.65 26.74 17.95
CA GLY C 143 -6.22 27.99 17.32
C GLY C 143 -5.08 28.73 17.98
N GLU C 144 -4.57 29.71 17.26
CA GLU C 144 -3.48 30.55 17.73
C GLU C 144 -3.98 31.98 17.92
N ARG C 145 -3.87 32.51 19.12
CA ARG C 145 -4.31 33.88 19.38
C ARG C 145 -3.25 34.89 18.97
N LEU C 146 -3.69 35.94 18.29
CA LEU C 146 -2.77 36.99 17.86
C LEU C 146 -2.47 37.90 19.05
N ASP C 147 -1.19 38.01 19.41
CA ASP C 147 -0.80 38.85 20.54
C ASP C 147 -1.27 40.29 20.41
N ASP C 148 -1.40 40.77 19.18
CA ASP C 148 -1.83 42.14 18.93
C ASP C 148 -3.34 42.31 18.81
N PHE C 149 -4.06 41.21 18.68
CA PHE C 149 -5.52 41.28 18.54
C PHE C 149 -6.16 40.11 19.29
N PRO C 150 -6.16 40.17 20.63
CA PRO C 150 -6.74 39.11 21.46
C PRO C 150 -8.18 38.70 21.12
N GLU C 151 -8.91 39.54 20.39
CA GLU C 151 -10.29 39.21 20.00
C GLU C 151 -10.25 38.18 18.87
N TYR C 152 -9.18 38.27 18.07
CA TYR C 152 -8.97 37.39 16.91
C TYR C 152 -8.11 36.17 17.24
N ILE C 153 -8.41 35.07 16.55
CA ILE C 153 -7.68 33.81 16.74
C ILE C 153 -7.44 33.17 15.36
N CYS C 154 -6.22 32.68 15.12
CA CYS C 154 -5.91 32.05 13.84
C CYS C 154 -6.52 30.66 13.68
N PHE C 155 -6.95 30.34 12.47
CA PHE C 155 -7.54 29.04 12.19
C PHE C 155 -6.46 27.97 12.46
N PRO C 156 -6.84 26.87 13.11
CA PRO C 156 -5.86 25.80 13.41
C PRO C 156 -4.99 25.38 12.21
N THR C 157 -3.70 25.20 12.50
CA THR C 157 -2.74 24.78 11.50
C THR C 157 -2.71 23.24 11.48
N PRO C 158 -2.10 22.66 10.44
CA PRO C 158 -2.01 21.20 10.35
C PRO C 158 -1.18 20.64 11.51
N GLN C 159 -0.10 21.34 11.86
CA GLN C 159 0.76 20.88 12.95
C GLN C 159 -0.03 20.64 14.23
N ARG C 160 -0.99 21.52 14.55
CA ARG C 160 -1.77 21.31 15.75
C ARG C 160 -2.81 20.21 15.57
N LEU C 161 -3.57 20.25 14.48
CA LEU C 161 -4.59 19.21 14.28
C LEU C 161 -4.00 17.82 14.05
N ALA C 162 -2.82 17.72 13.44
CA ALA C 162 -2.25 16.39 13.22
C ALA C 162 -1.91 15.73 14.54
N ALA C 163 -1.64 16.54 15.56
CA ALA C 163 -1.26 16.05 16.87
C ALA C 163 -2.45 15.96 17.81
N ALA C 164 -3.60 16.46 17.37
CA ALA C 164 -4.80 16.46 18.18
C ALA C 164 -5.25 15.08 18.64
N ASP C 165 -5.90 15.08 19.80
CA ASP C 165 -6.42 13.86 20.39
C ASP C 165 -7.82 13.62 19.83
N PRO C 166 -8.01 12.47 19.14
CA PRO C 166 -9.30 12.10 18.54
C PRO C 166 -10.45 12.37 19.48
N GLN C 167 -10.34 11.87 20.70
CA GLN C 167 -11.41 12.05 21.66
C GLN C 167 -11.64 13.52 22.01
N ALA C 168 -10.61 14.36 21.91
CA ALA C 168 -10.77 15.78 22.23
C ALA C 168 -11.68 16.42 21.21
N LEU C 169 -11.43 16.14 19.94
CA LEU C 169 -12.25 16.71 18.88
C LEU C 169 -13.66 16.15 18.99
N LYS C 170 -13.77 14.86 19.28
CA LYS C 170 -15.07 14.22 19.41
C LYS C 170 -15.88 14.97 20.44
N ALA C 171 -15.24 15.26 21.56
CA ALA C 171 -15.87 15.97 22.66
C ALA C 171 -16.46 17.32 22.26
N LEU C 172 -16.01 17.86 21.13
CA LEU C 172 -16.53 19.15 20.69
C LEU C 172 -17.90 19.02 20.04
N GLY C 173 -18.37 17.78 19.89
CA GLY C 173 -19.68 17.56 19.28
C GLY C 173 -19.63 17.04 17.85
N MET C 174 -18.68 16.14 17.57
CA MET C 174 -18.58 15.55 16.24
C MET C 174 -18.31 14.07 16.41
N PRO C 175 -18.70 13.26 15.41
CA PRO C 175 -18.50 11.81 15.50
C PRO C 175 -17.00 11.52 15.54
N LEU C 176 -16.62 10.39 16.10
CA LEU C 176 -15.21 10.05 16.17
C LEU C 176 -14.59 10.02 14.75
N LYS C 177 -15.35 9.48 13.79
CA LYS C 177 -14.87 9.37 12.41
C LYS C 177 -14.57 10.72 11.79
N ARG C 178 -15.33 11.74 12.17
CA ARG C 178 -15.08 13.04 11.62
C ARG C 178 -13.76 13.59 12.19
N ALA C 179 -13.55 13.37 13.49
CA ALA C 179 -12.34 13.81 14.17
C ALA C 179 -11.16 13.11 13.53
N GLU C 180 -11.31 11.82 13.26
CA GLU C 180 -10.24 11.05 12.65
C GLU C 180 -9.97 11.56 11.23
N ALA C 181 -11.02 11.99 10.55
CA ALA C 181 -10.87 12.51 9.19
C ALA C 181 -10.00 13.76 9.24
N LEU C 182 -10.29 14.63 10.20
CA LEU C 182 -9.53 15.86 10.33
C LEU C 182 -8.06 15.58 10.59
N ILE C 183 -7.78 14.71 11.55
CA ILE C 183 -6.40 14.38 11.90
C ILE C 183 -5.63 13.88 10.68
N HIS C 184 -6.28 13.06 9.86
CA HIS C 184 -5.67 12.53 8.65
C HIS C 184 -5.47 13.65 7.63
N LEU C 185 -6.50 14.48 7.46
CA LEU C 185 -6.37 15.60 6.53
C LEU C 185 -5.17 16.46 6.93
N ALA C 186 -5.02 16.69 8.23
CA ALA C 186 -3.89 17.48 8.73
C ALA C 186 -2.57 16.82 8.37
N ASN C 187 -2.48 15.51 8.58
CA ASN C 187 -1.23 14.81 8.26
C ASN C 187 -0.87 14.91 6.80
N ALA C 188 -1.89 14.85 5.95
CA ALA C 188 -1.67 14.95 4.51
C ALA C 188 -1.10 16.33 4.22
N ALA C 189 -1.69 17.35 4.84
CA ALA C 189 -1.21 18.70 4.63
C ALA C 189 0.24 18.81 5.10
N LEU C 190 0.57 18.16 6.20
CA LEU C 190 1.94 18.23 6.68
C LEU C 190 2.86 17.54 5.68
N GLU C 191 2.39 16.42 5.13
CA GLU C 191 3.19 15.66 4.19
C GLU C 191 3.26 16.25 2.80
N GLY C 192 2.37 17.19 2.50
CA GLY C 192 2.35 17.82 1.18
C GLY C 192 1.46 17.09 0.19
N THR C 193 0.64 16.18 0.71
CA THR C 193 -0.29 15.36 -0.07
C THR C 193 -1.67 15.98 -0.35
N LEU C 194 -1.94 17.15 0.22
CA LEU C 194 -3.23 17.82 0.02
C LEU C 194 -3.01 18.98 -0.95
N PRO C 195 -3.51 18.85 -2.19
CA PRO C 195 -3.35 19.90 -3.19
C PRO C 195 -3.81 21.25 -2.63
N MET C 196 -2.88 22.17 -2.46
CA MET C 196 -3.18 23.49 -1.89
C MET C 196 -3.51 24.49 -2.98
N THR C 197 -3.41 24.02 -4.22
CA THR C 197 -3.70 24.85 -5.37
C THR C 197 -4.35 23.93 -6.38
N ILE C 198 -5.20 24.48 -7.23
CA ILE C 198 -5.89 23.68 -8.24
C ILE C 198 -4.93 22.85 -9.07
N PRO C 199 -5.15 21.53 -9.10
CA PRO C 199 -4.26 20.66 -9.90
C PRO C 199 -4.75 20.59 -11.34
N GLY C 200 -3.87 20.22 -12.26
CA GLY C 200 -4.24 20.15 -13.66
C GLY C 200 -5.43 19.26 -13.94
N ASP C 201 -5.47 18.12 -13.27
CA ASP C 201 -6.56 17.17 -13.45
C ASP C 201 -7.42 17.09 -12.20
N VAL C 202 -8.42 17.97 -12.12
CA VAL C 202 -9.32 18.02 -10.98
C VAL C 202 -10.06 16.71 -10.73
N GLU C 203 -10.40 16.02 -11.82
CA GLU C 203 -11.11 14.76 -11.71
C GLU C 203 -10.23 13.74 -10.98
N GLN C 204 -9.03 13.53 -11.48
CA GLN C 204 -8.10 12.58 -10.87
C GLN C 204 -7.80 13.04 -9.43
N ALA C 205 -7.50 14.32 -9.29
CA ALA C 205 -7.20 14.87 -7.98
C ALA C 205 -8.32 14.56 -6.99
N MET C 206 -9.56 14.80 -7.38
CA MET C 206 -10.66 14.51 -6.47
C MET C 206 -10.77 13.03 -6.15
N LYS C 207 -10.58 12.19 -7.17
CA LYS C 207 -10.68 10.75 -6.96
C LYS C 207 -9.70 10.32 -5.87
N THR C 208 -8.51 10.91 -5.91
CA THR C 208 -7.48 10.61 -4.92
C THR C 208 -7.91 11.12 -3.54
N LEU C 209 -8.55 12.29 -3.53
CA LEU C 209 -9.02 12.85 -2.29
C LEU C 209 -10.01 11.88 -1.61
N GLN C 210 -10.84 11.22 -2.42
CA GLN C 210 -11.83 10.29 -1.88
C GLN C 210 -11.26 9.04 -1.20
N THR C 211 -9.97 8.79 -1.38
CA THR C 211 -9.35 7.63 -0.72
C THR C 211 -9.03 8.03 0.73
N PHE C 212 -9.21 9.30 1.04
CA PHE C 212 -8.95 9.83 2.39
C PHE C 212 -10.09 9.39 3.30
N PRO C 213 -9.77 8.86 4.48
CA PRO C 213 -10.87 8.44 5.35
C PRO C 213 -11.69 9.66 5.71
N GLY C 214 -13.02 9.49 5.69
CA GLY C 214 -13.90 10.58 6.04
C GLY C 214 -14.27 11.48 4.87
N ILE C 215 -13.59 11.33 3.73
CA ILE C 215 -13.92 12.17 2.57
C ILE C 215 -14.60 11.35 1.47
N GLY C 216 -15.86 11.66 1.21
CA GLY C 216 -16.60 10.97 0.17
C GLY C 216 -16.63 11.84 -1.07
N ARG C 217 -17.50 11.51 -2.04
CA ARG C 217 -17.59 12.28 -3.29
C ARG C 217 -18.05 13.72 -3.04
N TRP C 218 -19.02 13.89 -2.14
CA TRP C 218 -19.53 15.22 -1.84
C TRP C 218 -18.41 16.13 -1.31
N THR C 219 -17.75 15.71 -0.23
CA THR C 219 -16.67 16.51 0.36
C THR C 219 -15.60 16.86 -0.66
N ALA C 220 -15.25 15.89 -1.50
CA ALA C 220 -14.23 16.14 -2.52
C ALA C 220 -14.69 17.21 -3.48
N ASN C 221 -15.90 17.06 -4.03
CA ASN C 221 -16.45 18.03 -4.96
C ASN C 221 -16.50 19.42 -4.32
N TYR C 222 -17.15 19.51 -3.16
CA TYR C 222 -17.28 20.78 -2.47
C TYR C 222 -15.91 21.36 -2.14
N PHE C 223 -14.95 20.48 -1.85
CA PHE C 223 -13.61 20.95 -1.54
C PHE C 223 -12.95 21.53 -2.79
N ALA C 224 -13.11 20.83 -3.91
CA ALA C 224 -12.53 21.30 -5.15
C ALA C 224 -13.12 22.66 -5.48
N LEU C 225 -14.44 22.76 -5.37
CA LEU C 225 -15.10 24.00 -5.69
C LEU C 225 -14.62 25.19 -4.88
N ARG C 226 -14.66 25.04 -3.56
CA ARG C 226 -14.26 26.10 -2.63
C ARG C 226 -12.75 26.25 -2.36
N GLY C 227 -12.07 25.12 -2.18
CA GLY C 227 -10.65 25.14 -1.88
C GLY C 227 -9.69 25.37 -3.03
N TRP C 228 -10.07 24.96 -4.24
CA TRP C 228 -9.21 25.16 -5.40
C TRP C 228 -9.89 26.17 -6.31
N GLN C 229 -11.14 26.48 -5.97
CA GLN C 229 -11.97 27.38 -6.76
C GLN C 229 -12.02 26.80 -8.17
N ALA C 230 -12.14 25.48 -8.24
CA ALA C 230 -12.25 24.81 -9.54
C ALA C 230 -13.59 25.27 -10.11
N LYS C 231 -13.55 25.89 -11.28
CA LYS C 231 -14.75 26.44 -11.89
C LYS C 231 -15.73 25.50 -12.61
N ASP C 232 -15.37 24.23 -12.81
CA ASP C 232 -16.31 23.36 -13.53
C ASP C 232 -16.75 22.10 -12.80
N VAL C 233 -17.14 22.23 -11.54
CA VAL C 233 -17.59 21.06 -10.81
C VAL C 233 -18.98 21.25 -10.27
N PHE C 234 -19.77 20.18 -10.30
CA PHE C 234 -21.15 20.21 -9.82
C PHE C 234 -21.24 19.34 -8.55
N LEU C 235 -22.30 19.56 -7.77
CA LEU C 235 -22.51 18.77 -6.56
C LEU C 235 -23.77 17.95 -6.70
N PRO C 236 -23.72 16.91 -7.56
CA PRO C 236 -24.90 16.06 -7.77
C PRO C 236 -25.36 15.28 -6.55
N ASP C 237 -24.52 15.26 -5.51
CA ASP C 237 -24.86 14.55 -4.27
C ASP C 237 -25.38 15.51 -3.22
N ASP C 238 -25.25 16.80 -3.50
CA ASP C 238 -25.69 17.83 -2.58
C ASP C 238 -27.17 17.68 -2.25
N TYR C 239 -27.50 17.76 -0.96
CA TYR C 239 -28.88 17.64 -0.52
C TYR C 239 -29.82 18.64 -1.21
N LEU C 240 -29.52 19.93 -1.07
CA LEU C 240 -30.37 20.95 -1.69
C LEU C 240 -30.48 20.73 -3.20
N ILE C 241 -29.40 20.28 -3.81
CA ILE C 241 -29.40 20.02 -5.25
C ILE C 241 -30.37 18.88 -5.55
N LYS C 242 -30.38 17.86 -4.70
CA LYS C 242 -31.27 16.73 -4.91
C LYS C 242 -32.72 17.19 -5.00
N GLN C 243 -33.04 18.22 -4.22
CA GLN C 243 -34.40 18.75 -4.20
C GLN C 243 -34.69 19.65 -5.38
N ARG C 244 -33.62 20.19 -5.99
CA ARG C 244 -33.76 21.05 -7.14
C ARG C 244 -33.99 20.18 -8.37
N PHE C 245 -33.66 18.89 -8.25
CA PHE C 245 -33.86 17.93 -9.33
C PHE C 245 -34.65 16.74 -8.77
N PRO C 246 -35.93 16.99 -8.42
CA PRO C 246 -36.79 15.93 -7.87
C PRO C 246 -36.83 14.69 -8.75
N GLY C 247 -36.83 13.53 -8.11
CA GLY C 247 -36.91 12.28 -8.85
C GLY C 247 -35.65 11.79 -9.53
N MET C 248 -34.74 12.70 -9.85
CA MET C 248 -33.50 12.30 -10.52
C MET C 248 -32.43 11.75 -9.57
N THR C 249 -31.62 10.85 -10.10
CA THR C 249 -30.55 10.23 -9.34
C THR C 249 -29.25 10.97 -9.64
N PRO C 250 -28.24 10.77 -8.79
CA PRO C 250 -26.93 11.42 -8.97
C PRO C 250 -26.46 11.56 -10.41
N ALA C 251 -26.33 10.43 -11.11
CA ALA C 251 -25.84 10.44 -12.50
C ALA C 251 -26.74 11.16 -13.49
N GLN C 252 -28.04 11.24 -13.19
CA GLN C 252 -28.98 11.92 -14.08
C GLN C 252 -28.79 13.41 -13.93
N ILE C 253 -28.61 13.84 -12.69
CA ILE C 253 -28.38 15.23 -12.36
C ILE C 253 -27.05 15.63 -12.96
N ARG C 254 -26.13 14.67 -12.96
CA ARG C 254 -24.78 14.85 -13.46
C ARG C 254 -24.76 14.91 -14.99
N ARG C 255 -25.68 14.20 -15.61
CA ARG C 255 -25.79 14.16 -17.05
C ARG C 255 -26.44 15.46 -17.53
N TYR C 256 -27.33 15.98 -16.70
CA TYR C 256 -28.04 17.21 -17.01
C TYR C 256 -27.12 18.43 -16.90
N ALA C 257 -26.30 18.46 -15.85
CA ALA C 257 -25.40 19.58 -15.62
C ALA C 257 -24.33 19.75 -16.70
N GLU C 258 -24.04 18.69 -17.44
CA GLU C 258 -23.04 18.77 -18.52
C GLU C 258 -23.37 19.90 -19.50
N ARG C 259 -24.64 20.28 -19.56
CA ARG C 259 -25.05 21.34 -20.47
C ARG C 259 -24.37 22.65 -20.12
N TRP C 260 -23.98 22.80 -18.85
CA TRP C 260 -23.33 24.02 -18.38
C TRP C 260 -21.81 24.04 -18.43
N LYS C 261 -21.20 22.97 -18.94
CA LYS C 261 -19.74 22.92 -19.04
C LYS C 261 -19.29 24.09 -19.90
N PRO C 262 -18.10 24.67 -19.61
CA PRO C 262 -17.17 24.32 -18.53
C PRO C 262 -17.29 25.23 -17.32
N TRP C 263 -18.51 25.63 -16.99
CA TRP C 263 -18.74 26.53 -15.86
C TRP C 263 -19.73 25.95 -14.87
N ARG C 264 -19.69 24.63 -14.72
CA ARG C 264 -20.61 23.95 -13.81
C ARG C 264 -20.60 24.45 -12.37
N SER C 265 -19.46 24.96 -11.91
CA SER C 265 -19.38 25.46 -10.55
C SER C 265 -20.30 26.67 -10.37
N TYR C 266 -20.29 27.56 -11.35
CA TYR C 266 -21.15 28.75 -11.26
C TYR C 266 -22.63 28.36 -11.35
N ALA C 267 -22.95 27.48 -12.29
CA ALA C 267 -24.33 27.04 -12.44
C ALA C 267 -24.82 26.54 -11.10
N LEU C 268 -23.99 25.72 -10.46
CA LEU C 268 -24.30 25.16 -9.17
C LEU C 268 -24.72 26.24 -8.17
N LEU C 269 -23.92 27.29 -8.09
CA LEU C 269 -24.22 28.37 -7.17
C LEU C 269 -25.55 29.03 -7.50
N HIS C 270 -25.80 29.23 -8.79
CA HIS C 270 -27.04 29.86 -9.23
C HIS C 270 -28.26 28.99 -8.90
N ILE C 271 -28.22 27.72 -9.29
CA ILE C 271 -29.33 26.81 -9.01
C ILE C 271 -29.52 26.72 -7.50
N TRP C 272 -28.41 26.80 -6.78
CA TRP C 272 -28.42 26.75 -5.32
C TRP C 272 -29.19 27.95 -4.78
N TYR C 273 -28.95 29.11 -5.39
CA TYR C 273 -29.61 30.34 -4.96
C TYR C 273 -30.78 30.81 -5.83
N THR C 274 -31.77 29.92 -5.96
CA THR C 274 -32.99 30.17 -6.71
C THR C 274 -34.00 29.14 -6.24
N GLU C 275 -34.73 29.47 -5.17
CA GLU C 275 -35.70 28.56 -4.58
C GLU C 275 -36.68 27.98 -5.60
N GLY C 276 -37.05 28.78 -6.58
CA GLY C 276 -37.98 28.32 -7.59
C GLY C 276 -37.47 27.22 -8.50
N TRP C 277 -36.43 27.54 -9.27
CA TRP C 277 -35.80 26.63 -10.25
C TRP C 277 -36.17 25.15 -10.21
N GLN C 278 -36.23 24.58 -11.41
CA GLN C 278 -36.54 23.18 -11.63
C GLN C 278 -36.09 22.87 -13.04
N PRO C 279 -35.57 21.67 -13.27
CA PRO C 279 -35.09 21.25 -14.60
C PRO C 279 -36.16 21.26 -15.70
N ASP C 280 -35.71 21.12 -16.94
CA ASP C 280 -36.62 21.09 -18.08
C ASP C 280 -36.86 19.63 -18.46
N GLU C 281 -38.02 19.12 -18.04
CA GLU C 281 -38.41 17.74 -18.32
C GLU C 281 -38.31 17.47 -19.82
N ALA C 282 -37.18 16.88 -20.22
CA ALA C 282 -36.92 16.57 -21.62
C ALA C 282 -37.96 15.63 -22.23
N MET D 1 1.09 -49.95 -0.56
CA MET D 1 -0.28 -50.43 -0.15
C MET D 1 -0.59 -50.02 1.30
N TYR D 2 -0.78 -48.72 1.50
CA TYR D 2 -1.09 -48.18 2.83
C TYR D 2 -2.60 -48.20 3.06
N THR D 3 -3.02 -47.96 4.30
CA THR D 3 -4.44 -47.98 4.60
C THR D 3 -4.87 -46.89 5.59
N LEU D 4 -5.98 -46.22 5.28
CA LEU D 4 -6.53 -45.15 6.11
C LEU D 4 -7.97 -45.47 6.53
N ASN D 5 -8.39 -44.92 7.67
CA ASN D 5 -9.74 -45.16 8.18
C ASN D 5 -10.75 -44.10 7.80
N TRP D 6 -12.01 -44.49 7.86
CA TRP D 6 -13.12 -43.57 7.61
C TRP D 6 -14.26 -44.09 8.46
N GLN D 7 -15.12 -43.19 8.91
CA GLN D 7 -16.26 -43.56 9.75
C GLN D 7 -17.50 -43.70 8.84
N PRO D 8 -18.38 -44.65 9.15
CA PRO D 8 -19.57 -44.82 8.30
C PRO D 8 -20.74 -43.96 8.75
N PRO D 9 -21.69 -43.72 7.85
CA PRO D 9 -21.65 -44.24 6.47
C PRO D 9 -20.83 -43.36 5.54
N TYR D 10 -20.39 -43.94 4.43
CA TYR D 10 -19.63 -43.23 3.41
C TYR D 10 -20.17 -43.69 2.07
N ASP D 11 -20.82 -42.78 1.35
CA ASP D 11 -21.40 -43.08 0.04
C ASP D 11 -20.33 -42.98 -1.03
N TRP D 12 -19.57 -44.06 -1.22
CA TRP D 12 -18.51 -44.04 -2.23
C TRP D 12 -19.06 -43.86 -3.63
N SER D 13 -20.20 -44.47 -3.89
CA SER D 13 -20.81 -44.36 -5.20
C SER D 13 -20.98 -42.88 -5.54
N TRP D 14 -21.53 -42.12 -4.60
CA TRP D 14 -21.74 -40.70 -4.81
C TRP D 14 -20.42 -39.93 -5.00
N MET D 15 -19.44 -40.25 -4.16
CA MET D 15 -18.14 -39.60 -4.23
C MET D 15 -17.42 -39.85 -5.56
N LEU D 16 -17.32 -41.11 -5.96
CA LEU D 16 -16.65 -41.43 -7.22
C LEU D 16 -17.37 -40.79 -8.41
N GLY D 17 -18.69 -40.78 -8.35
CA GLY D 17 -19.47 -40.18 -9.42
C GLY D 17 -19.15 -38.70 -9.53
N PHE D 18 -18.98 -38.03 -8.39
CA PHE D 18 -18.67 -36.61 -8.40
C PHE D 18 -17.33 -36.35 -9.05
N LEU D 19 -16.33 -37.13 -8.66
CA LEU D 19 -14.98 -37.00 -9.21
C LEU D 19 -14.95 -37.46 -10.67
N ALA D 20 -15.66 -38.55 -10.95
CA ALA D 20 -15.73 -39.08 -12.30
C ALA D 20 -16.15 -38.02 -13.30
N ALA D 21 -17.23 -37.30 -13.00
CA ALA D 21 -17.73 -36.26 -13.91
C ALA D 21 -16.73 -35.15 -14.18
N ARG D 22 -15.88 -34.85 -13.19
CA ARG D 22 -14.92 -33.77 -13.33
C ARG D 22 -13.50 -34.28 -13.59
N ALA D 23 -13.41 -35.58 -13.84
CA ALA D 23 -12.12 -36.21 -14.09
C ALA D 23 -11.43 -35.58 -15.30
N VAL D 24 -10.18 -35.20 -15.12
CA VAL D 24 -9.39 -34.58 -16.17
C VAL D 24 -8.54 -35.65 -16.84
N SER D 25 -8.89 -35.96 -18.09
CA SER D 25 -8.20 -36.98 -18.88
C SER D 25 -6.67 -36.93 -18.81
N SER D 26 -6.07 -38.11 -18.64
CA SER D 26 -4.62 -38.28 -18.54
C SER D 26 -4.11 -38.02 -17.12
N VAL D 27 -4.93 -37.37 -16.31
CA VAL D 27 -4.55 -37.07 -14.93
C VAL D 27 -5.21 -38.04 -13.99
N GLU D 28 -6.53 -38.15 -14.11
CA GLU D 28 -7.28 -39.05 -13.27
C GLU D 28 -8.02 -40.15 -14.03
N THR D 29 -8.10 -41.32 -13.42
CA THR D 29 -8.83 -42.44 -13.99
C THR D 29 -9.87 -42.73 -12.93
N VAL D 30 -11.16 -42.63 -13.27
CA VAL D 30 -12.17 -42.92 -12.26
C VAL D 30 -13.10 -44.06 -12.62
N ALA D 31 -13.04 -45.13 -11.83
CA ALA D 31 -13.87 -46.31 -12.01
C ALA D 31 -14.76 -46.39 -10.77
N ASP D 32 -15.73 -47.30 -10.77
CA ASP D 32 -16.62 -47.37 -9.61
C ASP D 32 -16.09 -48.17 -8.43
N SER D 33 -14.87 -48.66 -8.55
CA SER D 33 -14.28 -49.42 -7.46
C SER D 33 -12.92 -48.83 -7.08
N TYR D 34 -12.45 -47.86 -7.85
CA TYR D 34 -11.18 -47.20 -7.55
C TYR D 34 -10.93 -45.85 -8.21
N TYR D 35 -10.10 -45.05 -7.54
CA TYR D 35 -9.71 -43.74 -8.01
C TYR D 35 -8.19 -43.78 -8.18
N ALA D 36 -7.69 -43.19 -9.25
CA ALA D 36 -6.26 -43.17 -9.50
C ALA D 36 -5.90 -41.93 -10.29
N ARG D 37 -4.77 -41.31 -9.92
CA ARG D 37 -4.33 -40.10 -10.60
C ARG D 37 -2.83 -39.89 -10.47
N SER D 38 -2.27 -39.13 -11.39
CA SER D 38 -0.85 -38.82 -11.36
C SER D 38 -0.75 -37.89 -10.15
N LEU D 39 0.42 -37.87 -9.51
CA LEU D 39 0.57 -37.01 -8.35
C LEU D 39 1.98 -36.49 -8.22
N ALA D 40 2.12 -35.18 -8.06
CA ALA D 40 3.43 -34.60 -7.94
C ALA D 40 3.62 -33.86 -6.61
N VAL D 41 4.66 -34.23 -5.88
CA VAL D 41 5.00 -33.57 -4.62
C VAL D 41 6.44 -33.10 -4.76
N GLY D 42 6.60 -31.83 -5.07
CA GLY D 42 7.94 -31.29 -5.26
C GLY D 42 8.52 -31.95 -6.49
N GLU D 43 9.73 -32.46 -6.40
CA GLU D 43 10.38 -33.12 -7.52
C GLU D 43 9.88 -34.56 -7.65
N TYR D 44 9.24 -35.08 -6.59
CA TYR D 44 8.72 -36.45 -6.57
C TYR D 44 7.41 -36.59 -7.31
N ARG D 45 7.26 -37.69 -8.04
CA ARG D 45 6.02 -37.91 -8.76
C ARG D 45 5.81 -39.34 -9.25
N GLY D 46 4.54 -39.70 -9.40
CA GLY D 46 4.16 -41.03 -9.83
C GLY D 46 2.66 -41.11 -9.92
N VAL D 47 2.12 -42.28 -9.59
CA VAL D 47 0.68 -42.49 -9.66
C VAL D 47 0.07 -43.00 -8.35
N VAL D 48 -1.08 -42.43 -7.98
CA VAL D 48 -1.79 -42.82 -6.77
C VAL D 48 -3.07 -43.59 -7.12
N THR D 49 -3.28 -44.70 -6.42
CA THR D 49 -4.45 -45.56 -6.61
C THR D 49 -5.18 -45.73 -5.28
N ALA D 50 -6.43 -45.29 -5.24
CA ALA D 50 -7.23 -45.38 -4.03
C ALA D 50 -8.34 -46.41 -4.19
N ILE D 51 -8.35 -47.40 -3.31
CA ILE D 51 -9.34 -48.46 -3.37
C ILE D 51 -10.12 -48.53 -2.08
N PRO D 52 -11.42 -48.24 -2.14
CA PRO D 52 -12.21 -48.30 -0.91
C PRO D 52 -12.53 -49.72 -0.46
N ASP D 53 -12.53 -49.93 0.85
CA ASP D 53 -12.82 -51.22 1.44
C ASP D 53 -14.07 -51.06 2.32
N ILE D 54 -15.24 -51.19 1.69
CA ILE D 54 -16.48 -51.07 2.42
C ILE D 54 -16.47 -52.14 3.48
N ALA D 55 -15.89 -53.29 3.10
CA ALA D 55 -15.77 -54.43 3.99
C ALA D 55 -15.55 -53.86 5.38
N ARG D 56 -14.39 -53.26 5.62
CA ARG D 56 -14.20 -52.69 6.93
C ARG D 56 -13.77 -51.23 7.04
N HIS D 57 -14.61 -50.36 6.49
CA HIS D 57 -14.42 -48.93 6.58
C HIS D 57 -12.98 -48.48 6.45
N THR D 58 -12.32 -48.91 5.41
CA THR D 58 -10.93 -48.55 5.24
C THR D 58 -10.65 -48.14 3.83
N LEU D 59 -9.61 -47.33 3.62
CA LEU D 59 -9.25 -46.90 2.29
C LEU D 59 -7.81 -47.33 2.00
N HIS D 60 -7.64 -48.17 0.97
CA HIS D 60 -6.33 -48.68 0.57
C HIS D 60 -5.68 -47.79 -0.48
N ILE D 61 -4.54 -47.21 -0.13
CA ILE D 61 -3.82 -46.33 -1.05
C ILE D 61 -2.55 -47.00 -1.51
N ASN D 62 -2.33 -47.02 -2.82
CA ASN D 62 -1.13 -47.61 -3.37
C ASN D 62 -0.33 -46.50 -4.01
N LEU D 63 0.99 -46.53 -3.78
CA LEU D 63 1.87 -45.53 -4.35
C LEU D 63 2.91 -46.17 -5.25
N SER D 64 3.16 -45.54 -6.39
CA SER D 64 4.18 -46.05 -7.28
C SER D 64 5.50 -45.72 -6.56
N ALA D 65 6.61 -46.28 -7.03
CA ALA D 65 7.90 -46.06 -6.37
C ALA D 65 8.36 -44.60 -6.30
N GLY D 66 8.14 -43.84 -7.35
CA GLY D 66 8.56 -42.44 -7.38
C GLY D 66 7.92 -41.53 -6.35
N LEU D 67 6.92 -42.01 -5.64
CA LEU D 67 6.23 -41.20 -4.63
C LEU D 67 6.53 -41.68 -3.22
N GLU D 68 7.07 -42.89 -3.12
CA GLU D 68 7.41 -43.48 -1.84
C GLU D 68 8.21 -42.59 -0.89
N PRO D 69 9.17 -41.81 -1.40
CA PRO D 69 9.95 -40.93 -0.51
C PRO D 69 9.06 -39.96 0.25
N VAL D 70 7.91 -39.64 -0.32
CA VAL D 70 6.99 -38.69 0.31
C VAL D 70 5.63 -39.31 0.54
N ALA D 71 5.63 -40.61 0.79
CA ALA D 71 4.40 -41.37 1.03
C ALA D 71 3.43 -40.65 1.98
N ALA D 72 3.92 -40.21 3.13
CA ALA D 72 3.09 -39.53 4.13
C ALA D 72 2.27 -38.38 3.55
N GLU D 73 2.90 -37.43 2.86
CA GLU D 73 2.13 -36.33 2.28
C GLU D 73 1.10 -36.82 1.27
N CYS D 74 1.50 -37.82 0.47
CA CYS D 74 0.59 -38.38 -0.51
C CYS D 74 -0.68 -38.84 0.18
N LEU D 75 -0.53 -39.56 1.30
CA LEU D 75 -1.69 -40.05 2.06
C LEU D 75 -2.49 -38.87 2.62
N ALA D 76 -1.80 -37.82 3.07
CA ALA D 76 -2.50 -36.66 3.60
C ALA D 76 -3.33 -36.04 2.48
N LYS D 77 -2.73 -35.94 1.30
CA LYS D 77 -3.43 -35.39 0.15
C LYS D 77 -4.71 -36.18 -0.16
N MET D 78 -4.62 -37.50 -0.09
CA MET D 78 -5.80 -38.32 -0.35
C MET D 78 -6.86 -38.14 0.76
N SER D 79 -6.44 -38.02 2.01
CA SER D 79 -7.39 -37.89 3.09
C SER D 79 -8.17 -36.60 2.98
N ARG D 80 -7.57 -35.60 2.36
CA ARG D 80 -8.27 -34.34 2.20
C ARG D 80 -9.19 -34.44 1.01
N LEU D 81 -8.79 -35.20 0.01
CA LEU D 81 -9.62 -35.36 -1.16
C LEU D 81 -10.90 -36.12 -0.81
N PHE D 82 -10.75 -37.23 -0.09
CA PHE D 82 -11.92 -38.03 0.25
C PHE D 82 -12.60 -37.70 1.57
N ASP D 83 -12.20 -36.60 2.21
CA ASP D 83 -12.83 -36.17 3.45
C ASP D 83 -12.89 -37.29 4.51
N LEU D 84 -11.79 -38.01 4.68
CA LEU D 84 -11.72 -39.11 5.63
C LEU D 84 -11.98 -38.74 7.10
N GLN D 85 -11.74 -37.48 7.45
CA GLN D 85 -11.94 -37.01 8.81
C GLN D 85 -13.39 -36.88 9.25
N CYS D 86 -14.30 -36.82 8.29
CA CYS D 86 -15.70 -36.61 8.58
C CYS D 86 -16.40 -37.59 9.49
N ASN D 87 -17.08 -37.03 10.49
CA ASN D 87 -17.88 -37.79 11.44
C ASN D 87 -19.32 -37.48 11.01
N PRO D 88 -19.88 -38.31 10.12
CA PRO D 88 -21.24 -38.11 9.63
C PRO D 88 -22.33 -38.05 10.68
N GLN D 89 -22.14 -38.77 11.78
CA GLN D 89 -23.13 -38.77 12.85
C GLN D 89 -23.20 -37.38 13.51
N ILE D 90 -22.14 -36.59 13.34
CA ILE D 90 -22.11 -35.24 13.89
C ILE D 90 -22.71 -34.23 12.90
N VAL D 91 -22.39 -34.40 11.62
CA VAL D 91 -22.89 -33.50 10.60
C VAL D 91 -24.40 -33.68 10.41
N ASN D 92 -24.82 -34.91 10.17
CA ASN D 92 -26.23 -35.20 9.97
C ASN D 92 -27.04 -34.90 11.22
N GLY D 93 -26.40 -35.03 12.38
CA GLY D 93 -27.09 -34.71 13.62
C GLY D 93 -27.41 -33.23 13.60
N ALA D 94 -26.60 -32.46 12.88
CA ALA D 94 -26.83 -31.02 12.80
C ALA D 94 -27.75 -30.65 11.64
N LEU D 95 -27.50 -31.20 10.47
CA LEU D 95 -28.32 -30.90 9.31
C LEU D 95 -29.73 -31.50 9.40
N GLY D 96 -29.86 -32.57 10.19
CA GLY D 96 -31.16 -33.22 10.34
C GLY D 96 -31.73 -33.68 9.00
N ARG D 97 -32.99 -33.32 8.79
CA ARG D 97 -33.75 -33.64 7.59
C ARG D 97 -32.94 -33.56 6.29
N LEU D 98 -32.34 -32.40 6.05
CA LEU D 98 -31.55 -32.13 4.85
C LEU D 98 -30.55 -33.23 4.44
N GLY D 99 -29.94 -33.90 5.42
CA GLY D 99 -28.97 -34.93 5.09
C GLY D 99 -29.41 -36.37 5.32
N ALA D 100 -30.64 -36.55 5.80
CA ALA D 100 -31.15 -37.90 6.07
C ALA D 100 -31.14 -38.85 4.88
N ALA D 101 -31.33 -38.32 3.67
CA ALA D 101 -31.36 -39.14 2.46
C ALA D 101 -30.00 -39.67 2.04
N ARG D 102 -28.96 -38.85 2.20
CA ARG D 102 -27.61 -39.25 1.82
C ARG D 102 -26.67 -39.01 2.98
N PRO D 103 -26.86 -39.74 4.09
CA PRO D 103 -26.00 -39.57 5.28
C PRO D 103 -24.53 -39.83 4.99
N GLY D 104 -24.25 -40.59 3.94
CA GLY D 104 -22.87 -40.90 3.61
C GLY D 104 -22.16 -39.86 2.75
N LEU D 105 -22.80 -38.71 2.57
CA LEU D 105 -22.27 -37.62 1.77
C LEU D 105 -20.96 -37.08 2.35
N ARG D 106 -20.00 -36.79 1.49
CA ARG D 106 -18.70 -36.23 1.93
C ARG D 106 -18.34 -35.00 1.09
N LEU D 107 -17.41 -34.18 1.59
CA LEU D 107 -16.99 -32.99 0.86
C LEU D 107 -15.84 -33.38 -0.07
N PRO D 108 -16.05 -33.30 -1.39
CA PRO D 108 -14.97 -33.67 -2.33
C PRO D 108 -13.88 -32.60 -2.28
N GLY D 109 -12.74 -32.94 -1.68
CA GLY D 109 -11.68 -31.97 -1.60
C GLY D 109 -10.91 -31.79 -2.88
N CYS D 110 -9.60 -31.79 -2.74
CA CYS D 110 -8.67 -31.67 -3.85
C CYS D 110 -7.38 -32.22 -3.27
N VAL D 111 -6.39 -32.40 -4.14
CA VAL D 111 -5.12 -32.94 -3.73
C VAL D 111 -4.04 -31.86 -3.70
N ASP D 112 -4.40 -30.66 -4.17
CA ASP D 112 -3.48 -29.53 -4.24
C ASP D 112 -4.27 -28.23 -4.45
N ALA D 113 -4.10 -27.29 -3.52
CA ALA D 113 -4.84 -26.03 -3.60
C ALA D 113 -4.66 -25.30 -4.92
N PHE D 114 -3.44 -25.25 -5.42
CA PHE D 114 -3.22 -24.57 -6.70
C PHE D 114 -4.01 -25.22 -7.83
N GLU D 115 -3.93 -26.55 -7.97
CA GLU D 115 -4.68 -27.26 -9.01
C GLU D 115 -6.15 -26.91 -8.94
N GLN D 116 -6.70 -27.04 -7.71
CA GLN D 116 -8.10 -26.76 -7.42
C GLN D 116 -8.44 -25.32 -7.82
N GLY D 117 -7.51 -24.41 -7.56
CA GLY D 117 -7.73 -23.02 -7.94
C GLY D 117 -7.87 -22.91 -9.45
N VAL D 118 -6.99 -23.58 -10.17
CA VAL D 118 -7.04 -23.58 -11.64
C VAL D 118 -8.38 -24.16 -12.09
N ARG D 119 -8.80 -25.25 -11.44
CA ARG D 119 -10.06 -25.86 -11.81
C ARG D 119 -11.24 -24.95 -11.52
N ALA D 120 -11.17 -24.21 -10.43
CA ALA D 120 -12.27 -23.31 -10.09
C ALA D 120 -12.41 -22.29 -11.21
N ILE D 121 -11.29 -21.70 -11.60
CA ILE D 121 -11.29 -20.71 -12.67
C ILE D 121 -11.81 -21.25 -14.00
N LEU D 122 -11.30 -22.40 -14.43
CA LEU D 122 -11.75 -22.99 -15.70
C LEU D 122 -13.16 -23.54 -15.58
N GLY D 123 -13.76 -23.44 -14.40
CA GLY D 123 -15.10 -23.96 -14.21
C GLY D 123 -16.15 -22.88 -14.32
N GLN D 124 -15.68 -21.64 -14.41
CA GLN D 124 -16.55 -20.48 -14.52
C GLN D 124 -17.38 -20.47 -15.79
N LEU D 125 -18.69 -20.28 -15.63
CA LEU D 125 -19.60 -20.17 -16.76
C LEU D 125 -19.81 -21.37 -17.68
N VAL D 126 -18.82 -22.25 -17.84
CA VAL D 126 -19.01 -23.42 -18.71
C VAL D 126 -19.65 -24.59 -17.96
N SER D 127 -20.01 -25.63 -18.71
CA SER D 127 -20.63 -26.81 -18.12
C SER D 127 -19.56 -27.63 -17.43
N VAL D 128 -19.98 -28.58 -16.61
CA VAL D 128 -19.03 -29.43 -15.91
C VAL D 128 -18.18 -30.19 -16.94
N ALA D 129 -18.80 -30.99 -17.78
CA ALA D 129 -18.08 -31.77 -18.78
C ALA D 129 -17.16 -30.90 -19.64
N MET D 130 -17.51 -29.64 -19.78
CA MET D 130 -16.74 -28.71 -20.59
C MET D 130 -15.46 -28.31 -19.87
N ALA D 131 -15.59 -27.87 -18.62
CA ALA D 131 -14.43 -27.46 -17.83
C ALA D 131 -13.43 -28.60 -17.85
N ALA D 132 -13.96 -29.81 -17.72
CA ALA D 132 -13.14 -30.99 -17.71
C ALA D 132 -12.31 -31.12 -18.98
N LYS D 133 -12.98 -31.15 -20.13
CA LYS D 133 -12.29 -31.29 -21.41
C LYS D 133 -11.26 -30.17 -21.59
N LEU D 134 -11.65 -28.96 -21.22
CA LEU D 134 -10.78 -27.80 -21.34
C LEU D 134 -9.56 -27.91 -20.43
N THR D 135 -9.79 -28.35 -19.20
CA THR D 135 -8.71 -28.50 -18.23
C THR D 135 -7.75 -29.58 -18.68
N ALA D 136 -8.29 -30.61 -19.33
CA ALA D 136 -7.44 -31.70 -19.79
C ALA D 136 -6.44 -31.22 -20.84
N ARG D 137 -6.83 -30.20 -21.59
CA ARG D 137 -5.96 -29.64 -22.61
C ARG D 137 -4.80 -28.95 -21.91
N VAL D 138 -5.14 -28.14 -20.92
CA VAL D 138 -4.13 -27.43 -20.15
C VAL D 138 -3.13 -28.42 -19.56
N ALA D 139 -3.66 -29.50 -18.99
CA ALA D 139 -2.82 -30.52 -18.37
C ALA D 139 -1.93 -31.14 -19.43
N GLN D 140 -2.51 -31.42 -20.60
CA GLN D 140 -1.78 -32.01 -21.73
C GLN D 140 -0.67 -31.11 -22.22
N LEU D 141 -0.93 -29.81 -22.31
CA LEU D 141 0.06 -28.87 -22.81
C LEU D 141 1.14 -28.47 -21.83
N TYR D 142 0.78 -28.31 -20.55
CA TYR D 142 1.75 -27.87 -19.54
C TYR D 142 2.12 -28.90 -18.49
N GLY D 143 1.63 -30.12 -18.63
CA GLY D 143 1.93 -31.14 -17.65
C GLY D 143 3.21 -31.90 -17.90
N GLU D 144 3.76 -32.46 -16.82
CA GLU D 144 4.97 -33.26 -16.90
C GLU D 144 4.53 -34.73 -16.99
N ARG D 145 4.78 -35.37 -18.12
CA ARG D 145 4.40 -36.77 -18.30
C ARG D 145 5.32 -37.67 -17.45
N LEU D 146 4.74 -38.68 -16.82
CA LEU D 146 5.51 -39.60 -15.98
C LEU D 146 6.26 -40.62 -16.83
N ASP D 147 7.44 -41.04 -16.38
CA ASP D 147 8.23 -42.00 -17.12
C ASP D 147 7.90 -43.41 -16.63
N ASP D 148 7.63 -43.51 -15.35
CA ASP D 148 7.27 -44.77 -14.74
C ASP D 148 5.96 -45.28 -15.36
N PHE D 149 5.02 -44.35 -15.56
CA PHE D 149 3.71 -44.64 -16.15
C PHE D 149 3.42 -43.58 -17.21
N PRO D 150 3.90 -43.78 -18.45
CA PRO D 150 3.74 -42.88 -19.59
C PRO D 150 2.32 -42.39 -19.85
N GLU D 151 1.35 -43.30 -19.71
CA GLU D 151 -0.06 -42.99 -19.93
C GLU D 151 -0.54 -41.80 -19.11
N TYR D 152 0.00 -41.65 -17.89
CA TYR D 152 -0.37 -40.55 -17.01
C TYR D 152 0.48 -39.30 -17.21
N ILE D 153 -0.02 -38.19 -16.68
CA ILE D 153 0.67 -36.90 -16.74
C ILE D 153 0.26 -36.05 -15.53
N CYS D 154 1.24 -35.37 -14.94
CA CYS D 154 1.03 -34.52 -13.76
C CYS D 154 0.30 -33.23 -14.07
N PHE D 155 -0.44 -32.72 -13.09
CA PHE D 155 -1.17 -31.47 -13.29
C PHE D 155 -0.13 -30.38 -13.42
N PRO D 156 -0.41 -29.36 -14.25
CA PRO D 156 0.54 -28.26 -14.42
C PRO D 156 1.03 -27.72 -13.08
N THR D 157 2.26 -27.22 -13.06
CA THR D 157 2.84 -26.65 -11.86
C THR D 157 2.75 -25.15 -12.00
N PRO D 158 2.86 -24.42 -10.88
CA PRO D 158 2.78 -22.95 -10.91
C PRO D 158 3.87 -22.29 -11.76
N GLN D 159 5.08 -22.84 -11.74
CA GLN D 159 6.15 -22.23 -12.53
C GLN D 159 5.90 -22.41 -14.01
N ARG D 160 5.31 -23.55 -14.38
CA ARG D 160 5.03 -23.82 -15.77
C ARG D 160 3.92 -22.90 -16.26
N LEU D 161 2.87 -22.75 -15.47
CA LEU D 161 1.77 -21.87 -15.85
C LEU D 161 2.13 -20.40 -15.74
N ALA D 162 2.87 -20.03 -14.70
CA ALA D 162 3.27 -18.65 -14.50
C ALA D 162 4.07 -18.12 -15.68
N ALA D 163 4.66 -19.06 -16.42
CA ALA D 163 5.48 -18.74 -17.59
C ALA D 163 4.73 -18.94 -18.89
N ALA D 164 3.44 -19.27 -18.81
CA ALA D 164 2.65 -19.50 -20.01
C ALA D 164 2.32 -18.24 -20.78
N ASP D 165 2.22 -18.40 -22.10
CA ASP D 165 1.86 -17.31 -23.00
C ASP D 165 0.34 -17.20 -22.89
N PRO D 166 -0.17 -16.03 -22.48
CA PRO D 166 -1.62 -15.86 -22.34
C PRO D 166 -2.36 -16.38 -23.57
N GLN D 167 -2.04 -15.81 -24.74
CA GLN D 167 -2.68 -16.20 -25.97
C GLN D 167 -2.66 -17.72 -26.15
N ALA D 168 -1.51 -18.34 -25.93
CA ALA D 168 -1.41 -19.80 -26.07
C ALA D 168 -2.49 -20.48 -25.22
N LEU D 169 -2.75 -19.93 -24.02
CA LEU D 169 -3.76 -20.47 -23.12
C LEU D 169 -5.14 -20.27 -23.73
N LYS D 170 -5.36 -19.05 -24.23
CA LYS D 170 -6.63 -18.68 -24.85
C LYS D 170 -6.98 -19.66 -25.98
N ALA D 171 -6.00 -19.93 -26.83
CA ALA D 171 -6.16 -20.85 -27.97
C ALA D 171 -6.74 -22.21 -27.57
N LEU D 172 -6.61 -22.57 -26.29
CA LEU D 172 -7.13 -23.84 -25.82
C LEU D 172 -8.64 -23.81 -25.68
N GLY D 173 -9.19 -22.61 -25.61
CA GLY D 173 -10.65 -22.49 -25.50
C GLY D 173 -11.18 -21.70 -24.33
N MET D 174 -10.62 -20.51 -24.10
CA MET D 174 -11.07 -19.68 -22.99
C MET D 174 -10.78 -18.23 -23.30
N PRO D 175 -11.50 -17.30 -22.66
CA PRO D 175 -11.29 -15.87 -22.90
C PRO D 175 -9.90 -15.53 -22.40
N LEU D 176 -9.37 -14.38 -22.81
CA LEU D 176 -8.03 -13.98 -22.38
C LEU D 176 -7.98 -13.71 -20.87
N LYS D 177 -9.00 -13.01 -20.35
CA LYS D 177 -9.10 -12.69 -18.93
C LYS D 177 -8.91 -13.92 -18.05
N ARG D 178 -9.38 -15.07 -18.53
CA ARG D 178 -9.27 -16.31 -17.79
C ARG D 178 -7.85 -16.84 -17.89
N ALA D 179 -7.29 -16.78 -19.10
CA ALA D 179 -5.93 -17.23 -19.31
C ALA D 179 -5.03 -16.41 -18.39
N GLU D 180 -5.38 -15.14 -18.21
CA GLU D 180 -4.59 -14.25 -17.37
C GLU D 180 -4.78 -14.57 -15.89
N ALA D 181 -6.01 -14.94 -15.52
CA ALA D 181 -6.32 -15.29 -14.15
C ALA D 181 -5.45 -16.45 -13.73
N LEU D 182 -5.32 -17.42 -14.61
CA LEU D 182 -4.50 -18.59 -14.31
C LEU D 182 -3.06 -18.15 -14.05
N ILE D 183 -2.51 -17.36 -14.96
CA ILE D 183 -1.14 -16.89 -14.83
C ILE D 183 -0.93 -16.14 -13.50
N HIS D 184 -1.85 -15.25 -13.15
CA HIS D 184 -1.73 -14.52 -11.90
C HIS D 184 -1.72 -15.53 -10.75
N LEU D 185 -2.69 -16.43 -10.76
CA LEU D 185 -2.83 -17.45 -9.73
C LEU D 185 -1.56 -18.23 -9.51
N ALA D 186 -0.92 -18.64 -10.59
CA ALA D 186 0.31 -19.42 -10.50
C ALA D 186 1.40 -18.59 -9.83
N ASN D 187 1.46 -17.31 -10.18
CA ASN D 187 2.45 -16.41 -9.59
C ASN D 187 2.26 -16.36 -8.09
N ALA D 188 0.99 -16.16 -7.71
CA ALA D 188 0.58 -16.09 -6.32
C ALA D 188 1.01 -17.39 -5.61
N ALA D 189 0.88 -18.50 -6.32
CA ALA D 189 1.26 -19.79 -5.77
C ALA D 189 2.79 -19.82 -5.63
N LEU D 190 3.47 -19.27 -6.63
CA LEU D 190 4.92 -19.21 -6.61
C LEU D 190 5.44 -18.40 -5.44
N GLU D 191 4.84 -17.25 -5.17
CA GLU D 191 5.35 -16.46 -4.05
C GLU D 191 4.69 -16.66 -2.68
N GLY D 192 3.95 -17.76 -2.54
CA GLY D 192 3.32 -18.06 -1.26
C GLY D 192 2.12 -17.24 -0.86
N THR D 193 1.56 -16.48 -1.79
CA THR D 193 0.40 -15.65 -1.49
C THR D 193 -0.94 -16.38 -1.61
N LEU D 194 -0.94 -17.55 -2.24
CA LEU D 194 -2.17 -18.31 -2.36
C LEU D 194 -2.16 -19.36 -1.27
N PRO D 195 -2.97 -19.15 -0.21
CA PRO D 195 -3.02 -20.11 0.90
C PRO D 195 -3.19 -21.53 0.40
N MET D 196 -2.22 -22.39 0.67
CA MET D 196 -2.30 -23.78 0.22
C MET D 196 -3.07 -24.68 1.17
N THR D 197 -3.27 -24.21 2.40
CA THR D 197 -4.03 -24.98 3.38
C THR D 197 -5.05 -24.05 4.01
N ILE D 198 -6.13 -24.60 4.59
CA ILE D 198 -7.15 -23.72 5.17
C ILE D 198 -6.60 -22.76 6.19
N PRO D 199 -6.91 -21.46 6.04
CA PRO D 199 -6.46 -20.42 6.96
C PRO D 199 -7.37 -20.30 8.17
N GLY D 200 -6.88 -19.65 9.23
CA GLY D 200 -7.68 -19.48 10.42
C GLY D 200 -8.92 -18.64 10.22
N ASP D 201 -8.85 -17.63 9.37
CA ASP D 201 -9.99 -16.77 9.11
C ASP D 201 -10.42 -16.92 7.65
N VAL D 202 -11.19 -17.97 7.38
CA VAL D 202 -11.66 -18.23 6.03
C VAL D 202 -12.34 -17.03 5.36
N GLU D 203 -13.16 -16.31 6.11
CA GLU D 203 -13.83 -15.16 5.53
C GLU D 203 -12.78 -14.19 5.00
N GLN D 204 -11.84 -13.82 5.87
CA GLN D 204 -10.79 -12.89 5.49
C GLN D 204 -9.99 -13.37 4.27
N ALA D 205 -9.59 -14.64 4.30
CA ALA D 205 -8.80 -15.17 3.19
C ALA D 205 -9.59 -15.09 1.89
N MET D 206 -10.90 -15.34 1.97
CA MET D 206 -11.73 -15.29 0.79
C MET D 206 -11.85 -13.86 0.26
N LYS D 207 -11.89 -12.90 1.17
CA LYS D 207 -11.97 -11.51 0.78
C LYS D 207 -10.72 -11.17 -0.04
N THR D 208 -9.55 -11.50 0.51
CA THR D 208 -8.28 -11.24 -0.16
C THR D 208 -8.27 -11.90 -1.54
N LEU D 209 -8.71 -13.16 -1.61
CA LEU D 209 -8.75 -13.87 -2.87
C LEU D 209 -9.49 -13.08 -3.95
N GLN D 210 -10.56 -12.41 -3.55
CA GLN D 210 -11.37 -11.66 -4.49
C GLN D 210 -10.65 -10.46 -5.13
N THR D 211 -9.45 -10.16 -4.64
CA THR D 211 -8.71 -9.06 -5.23
C THR D 211 -7.86 -9.61 -6.37
N PHE D 212 -7.96 -10.92 -6.61
CA PHE D 212 -7.20 -11.55 -7.67
C PHE D 212 -7.90 -11.39 -9.01
N PRO D 213 -7.15 -11.01 -10.05
CA PRO D 213 -7.79 -10.86 -11.36
C PRO D 213 -8.45 -12.16 -11.80
N GLY D 214 -9.73 -12.10 -12.14
CA GLY D 214 -10.45 -13.27 -12.58
C GLY D 214 -11.14 -14.02 -11.47
N ILE D 215 -11.00 -13.55 -10.23
CA ILE D 215 -11.64 -14.21 -9.10
C ILE D 215 -12.68 -13.37 -8.39
N GLY D 216 -13.94 -13.78 -8.51
CA GLY D 216 -15.04 -13.08 -7.85
C GLY D 216 -15.52 -13.90 -6.64
N ARG D 217 -16.61 -13.49 -6.02
CA ARG D 217 -17.06 -14.24 -4.85
C ARG D 217 -17.40 -15.71 -5.12
N TRP D 218 -18.10 -16.02 -6.21
CA TRP D 218 -18.42 -17.41 -6.46
C TRP D 218 -17.15 -18.29 -6.49
N THR D 219 -16.11 -17.80 -7.16
CA THR D 219 -14.85 -18.51 -7.29
C THR D 219 -14.15 -18.64 -5.93
N ALA D 220 -14.17 -17.56 -5.16
CA ALA D 220 -13.55 -17.56 -3.85
C ALA D 220 -14.23 -18.61 -2.97
N ASN D 221 -15.56 -18.53 -2.89
CA ASN D 221 -16.35 -19.47 -2.11
C ASN D 221 -16.04 -20.90 -2.53
N TYR D 222 -16.11 -21.16 -3.82
CA TYR D 222 -15.88 -22.49 -4.34
C TYR D 222 -14.46 -22.94 -4.05
N PHE D 223 -13.50 -22.04 -4.23
CA PHE D 223 -12.11 -22.40 -3.96
C PHE D 223 -11.95 -22.81 -2.51
N ALA D 224 -12.50 -22.01 -1.60
CA ALA D 224 -12.43 -22.30 -0.17
C ALA D 224 -13.07 -23.65 0.17
N LEU D 225 -14.21 -23.92 -0.46
CA LEU D 225 -14.92 -25.16 -0.20
C LEU D 225 -14.10 -26.39 -0.59
N ARG D 226 -13.59 -26.43 -1.82
CA ARG D 226 -12.81 -27.58 -2.29
C ARG D 226 -11.30 -27.51 -2.10
N GLY D 227 -10.74 -26.31 -2.26
CA GLY D 227 -9.30 -26.12 -2.12
C GLY D 227 -8.81 -26.17 -0.69
N TRP D 228 -9.63 -25.67 0.24
CA TRP D 228 -9.27 -25.69 1.64
C TRP D 228 -10.16 -26.67 2.40
N GLN D 229 -11.20 -27.16 1.74
CA GLN D 229 -12.16 -28.05 2.39
C GLN D 229 -12.81 -27.34 3.58
N ALA D 230 -13.08 -26.05 3.41
CA ALA D 230 -13.73 -25.26 4.45
C ALA D 230 -15.14 -25.85 4.59
N LYS D 231 -15.50 -26.23 5.81
CA LYS D 231 -16.81 -26.86 6.05
C LYS D 231 -17.98 -25.91 6.25
N ASP D 232 -17.73 -24.62 6.43
CA ASP D 232 -18.87 -23.75 6.67
C ASP D 232 -19.10 -22.61 5.66
N VAL D 233 -18.98 -22.92 4.38
CA VAL D 233 -19.19 -21.92 3.35
C VAL D 233 -20.35 -22.37 2.48
N PHE D 234 -21.12 -21.41 1.98
CA PHE D 234 -22.26 -21.71 1.11
C PHE D 234 -22.01 -20.92 -0.18
N LEU D 235 -22.67 -21.30 -1.27
CA LEU D 235 -22.49 -20.61 -2.55
C LEU D 235 -23.78 -19.96 -3.01
N PRO D 236 -24.14 -18.82 -2.41
CA PRO D 236 -25.37 -18.11 -2.78
C PRO D 236 -25.37 -17.53 -4.20
N ASP D 237 -24.21 -17.51 -4.84
CA ASP D 237 -24.10 -16.97 -6.19
C ASP D 237 -24.09 -18.04 -7.25
N ASP D 238 -24.22 -19.29 -6.83
CA ASP D 238 -24.19 -20.39 -7.75
C ASP D 238 -25.48 -20.49 -8.59
N TYR D 239 -25.29 -20.78 -9.86
CA TYR D 239 -26.34 -20.96 -10.86
C TYR D 239 -27.45 -21.89 -10.37
N LEU D 240 -27.07 -23.12 -10.01
CA LEU D 240 -28.01 -24.12 -9.54
C LEU D 240 -28.64 -23.73 -8.20
N ILE D 241 -27.82 -23.17 -7.32
CA ILE D 241 -28.32 -22.75 -6.00
C ILE D 241 -29.42 -21.72 -6.17
N LYS D 242 -29.26 -20.82 -7.13
CA LYS D 242 -30.29 -19.80 -7.37
C LYS D 242 -31.61 -20.47 -7.77
N GLN D 243 -31.52 -21.58 -8.50
CA GLN D 243 -32.70 -22.33 -8.92
C GLN D 243 -33.34 -23.04 -7.73
N ARG D 244 -32.49 -23.49 -6.80
CA ARG D 244 -32.96 -24.18 -5.60
C ARG D 244 -33.69 -23.19 -4.70
N PHE D 245 -33.32 -21.91 -4.78
CA PHE D 245 -33.99 -20.86 -3.99
C PHE D 245 -34.66 -19.86 -4.97
N PRO D 246 -35.70 -20.30 -5.68
CA PRO D 246 -36.46 -19.50 -6.65
C PRO D 246 -36.71 -18.07 -6.21
N GLY D 247 -36.26 -17.12 -7.02
CA GLY D 247 -36.48 -15.71 -6.74
C GLY D 247 -35.91 -15.10 -5.48
N MET D 248 -34.92 -15.74 -4.87
CA MET D 248 -34.31 -15.17 -3.67
C MET D 248 -32.99 -14.53 -4.06
N THR D 249 -32.66 -13.43 -3.41
CA THR D 249 -31.40 -12.75 -3.68
C THR D 249 -30.32 -13.47 -2.87
N PRO D 250 -29.05 -13.27 -3.24
CA PRO D 250 -27.95 -13.92 -2.52
C PRO D 250 -28.02 -13.73 -1.00
N ALA D 251 -28.30 -12.49 -0.58
CA ALA D 251 -28.39 -12.19 0.84
C ALA D 251 -29.46 -13.00 1.55
N GLN D 252 -30.59 -13.19 0.87
CA GLN D 252 -31.70 -13.96 1.44
C GLN D 252 -31.31 -15.43 1.52
N ILE D 253 -30.67 -15.91 0.46
CA ILE D 253 -30.23 -17.29 0.42
C ILE D 253 -29.24 -17.49 1.57
N ARG D 254 -28.32 -16.54 1.72
CA ARG D 254 -27.32 -16.61 2.77
C ARG D 254 -27.91 -16.52 4.16
N ARG D 255 -28.96 -15.71 4.33
CA ARG D 255 -29.60 -15.58 5.63
C ARG D 255 -30.19 -16.95 5.97
N TYR D 256 -30.85 -17.53 4.99
CA TYR D 256 -31.50 -18.82 5.14
C TYR D 256 -30.47 -19.92 5.49
N ALA D 257 -29.36 -19.93 4.75
CA ALA D 257 -28.33 -20.94 4.94
C ALA D 257 -27.70 -20.92 6.33
N GLU D 258 -27.89 -19.81 7.05
CA GLU D 258 -27.35 -19.66 8.38
C GLU D 258 -27.85 -20.73 9.33
N ARG D 259 -29.00 -21.32 8.99
CA ARG D 259 -29.59 -22.34 9.83
C ARG D 259 -28.75 -23.61 9.86
N TRP D 260 -27.78 -23.72 8.96
CA TRP D 260 -26.97 -24.91 8.89
C TRP D 260 -25.56 -24.70 9.41
N LYS D 261 -25.28 -23.51 9.91
CA LYS D 261 -23.95 -23.25 10.46
C LYS D 261 -23.87 -24.29 11.58
N PRO D 262 -22.68 -24.84 11.84
CA PRO D 262 -21.39 -24.59 11.19
C PRO D 262 -21.05 -25.55 10.06
N TRP D 263 -22.05 -26.18 9.45
CA TRP D 263 -21.77 -27.13 8.38
C TRP D 263 -22.39 -26.73 7.06
N ARG D 264 -22.34 -25.46 6.72
CA ARG D 264 -22.93 -25.00 5.47
C ARG D 264 -22.42 -25.70 4.21
N SER D 265 -21.16 -26.10 4.20
CA SER D 265 -20.62 -26.76 3.01
C SER D 265 -21.29 -28.10 2.78
N TYR D 266 -21.56 -28.83 3.85
CA TYR D 266 -22.24 -30.11 3.69
C TYR D 266 -23.65 -29.81 3.20
N ALA D 267 -24.30 -28.85 3.86
CA ALA D 267 -25.65 -28.44 3.48
C ALA D 267 -25.70 -28.14 1.99
N LEU D 268 -24.69 -27.41 1.54
CA LEU D 268 -24.57 -27.02 0.14
C LEU D 268 -24.55 -28.22 -0.80
N LEU D 269 -23.74 -29.22 -0.48
CA LEU D 269 -23.63 -30.40 -1.33
C LEU D 269 -24.95 -31.18 -1.34
N HIS D 270 -25.62 -31.26 -0.20
CA HIS D 270 -26.90 -31.96 -0.15
C HIS D 270 -27.94 -31.26 -1.01
N ILE D 271 -27.97 -29.93 -0.95
CA ILE D 271 -28.93 -29.15 -1.73
C ILE D 271 -28.60 -29.24 -3.21
N TRP D 272 -27.31 -29.23 -3.54
CA TRP D 272 -26.85 -29.34 -4.93
C TRP D 272 -27.32 -30.67 -5.51
N TYR D 273 -27.18 -31.73 -4.72
CA TYR D 273 -27.55 -33.04 -5.20
C TYR D 273 -28.91 -33.54 -4.75
N THR D 274 -29.85 -32.61 -4.67
CA THR D 274 -31.21 -32.91 -4.31
C THR D 274 -32.12 -32.17 -5.27
N GLU D 275 -32.35 -32.78 -6.41
CA GLU D 275 -33.21 -32.24 -7.47
C GLU D 275 -34.62 -32.00 -6.94
N GLY D 276 -35.13 -30.79 -7.16
CA GLY D 276 -36.47 -30.48 -6.71
C GLY D 276 -36.54 -29.99 -5.28
N TRP D 277 -35.39 -29.82 -4.64
CA TRP D 277 -35.38 -29.33 -3.28
C TRP D 277 -35.81 -27.88 -3.32
N GLN D 278 -36.53 -27.47 -2.29
CA GLN D 278 -36.97 -26.10 -2.19
C GLN D 278 -37.00 -25.73 -0.72
N PRO D 279 -36.84 -24.44 -0.43
CA PRO D 279 -36.82 -23.90 0.94
C PRO D 279 -38.17 -23.93 1.65
N ASP D 280 -38.12 -24.05 2.98
CA ASP D 280 -39.33 -24.05 3.79
C ASP D 280 -39.97 -22.68 3.75
N GLU D 281 -41.23 -22.62 4.20
CA GLU D 281 -41.98 -21.36 4.25
C GLU D 281 -41.57 -20.59 5.50
N ALA D 282 -40.28 -20.66 5.84
CA ALA D 282 -39.74 -19.98 7.00
C ALA D 282 -39.81 -18.46 6.83
#